data_1T4K
#
_entry.id   1T4K
#
_cell.length_a   79.701
_cell.length_b   81.228
_cell.length_c   149.496
_cell.angle_alpha   90.00
_cell.angle_beta   90.00
_cell.angle_gamma   90.00
#
_symmetry.space_group_name_H-M   'P 21 21 21'
#
loop_
_entity.id
_entity.type
_entity.pdbx_description
1 polymer 'IMMUNOGLOBULIN IGG1, KAPPA LIGHT CHAIN'
2 polymer 'IMMUNOGLOBULIN IGG1, HEAVY CHAIN'
3 non-polymer 'ZINC ION'
4 water water
#
loop_
_entity_poly.entity_id
_entity_poly.type
_entity_poly.pdbx_seq_one_letter_code
_entity_poly.pdbx_strand_id
1 'polypeptide(L)'
;DIQMTQSPSSLAVSPGEKVTMSCRSSQSLFNSRTRKNYLAWYQQKPGQSPTKLIYWASTRESGVPDRFTGSGSGTDFTLT
ISSVQAEDLAIYYCKQSYDLPTFGAGTKLELKRSDAAPTVSIFPPSSEQLTSGGASVVCFLNNFYPKDINVKWKIDGSER
QNGVLNSWTDQDSKDSTYSMSSTLTLTKDEYERHNSYTCEATHKTSTSPIVKSFNRN
;
A,C
2 'polypeptide(L)'
;EVMLVESGPGLVAPSQSLSITCTVSGFSLSDYGVSWIRQPPGKGLEWLGVIWGDGSTYYASALKFRLTISKDSSKSQVFL
NMHSLQTDDSAMYYCAKHTYGGPGDSWGQGTSVTVSSASTTPPSVFPLAPGSAAQTNSMVTLGCLVKGYFPEPVTVTWNS
GSLSSGVHTFPAVLQSDLYTLSSSVTVPSSPRPSETVTCNVAHPASSTKVDKKIVPR
;
B,D
#
loop_
_chem_comp.id
_chem_comp.type
_chem_comp.name
_chem_comp.formula
ZN non-polymer 'ZINC ION' 'Zn 2'
#
# COMPACT_ATOMS: atom_id res chain seq x y z
N ASP A 1 -29.63 17.89 10.37
CA ASP A 1 -29.42 16.81 9.37
C ASP A 1 -29.93 15.49 9.93
N ILE A 2 -30.45 14.64 9.04
CA ILE A 2 -30.96 13.34 9.44
C ILE A 2 -29.92 12.24 9.21
N GLN A 3 -29.68 11.42 10.22
CA GLN A 3 -28.71 10.33 10.07
C GLN A 3 -29.42 8.97 10.12
N MET A 4 -29.16 8.14 9.11
CA MET A 4 -29.78 6.80 9.04
C MET A 4 -28.79 5.72 9.46
N THR A 5 -29.14 4.99 10.52
CA THR A 5 -28.31 3.91 11.02
C THR A 5 -29.03 2.61 10.61
N GLN A 6 -28.33 1.78 9.83
CA GLN A 6 -28.88 0.55 9.34
C GLN A 6 -28.20 -0.67 9.98
N SER A 7 -28.92 -1.79 9.97
CA SER A 7 -28.42 -3.04 10.54
C SER A 7 -29.32 -4.21 10.13
N PRO A 8 -28.74 -5.41 10.07
CA PRO A 8 -27.33 -5.64 10.36
C PRO A 8 -26.42 -5.29 9.18
N SER A 9 -25.13 -5.18 9.45
CA SER A 9 -24.16 -4.87 8.41
C SER A 9 -24.28 -5.92 7.31
N SER A 10 -24.00 -7.17 7.65
CA SER A 10 -24.07 -8.26 6.68
C SER A 10 -24.88 -9.45 7.20
N LEU A 11 -25.67 -10.06 6.32
CA LEU A 11 -26.48 -11.21 6.71
C LEU A 11 -26.23 -12.41 5.83
N ALA A 12 -26.10 -13.57 6.45
CA ALA A 12 -25.88 -14.81 5.71
C ALA A 12 -27.13 -15.66 5.88
N VAL A 13 -27.67 -16.18 4.78
CA VAL A 13 -28.89 -16.98 4.85
C VAL A 13 -28.95 -18.05 3.76
N SER A 14 -29.79 -19.07 3.97
CA SER A 14 -29.93 -20.15 3.00
C SER A 14 -31.18 -19.95 2.17
N PRO A 15 -31.08 -20.21 0.86
CA PRO A 15 -32.23 -20.04 -0.03
C PRO A 15 -33.50 -20.67 0.52
N GLY A 16 -34.55 -19.85 0.57
CA GLY A 16 -35.84 -20.30 1.07
C GLY A 16 -36.17 -19.65 2.40
N GLU A 17 -35.13 -19.27 3.15
CA GLU A 17 -35.28 -18.64 4.45
C GLU A 17 -35.86 -17.23 4.40
N LYS A 18 -36.01 -16.62 5.59
CA LYS A 18 -36.55 -15.28 5.71
C LYS A 18 -35.64 -14.44 6.59
N VAL A 19 -35.47 -13.17 6.23
CA VAL A 19 -34.64 -12.26 6.99
C VAL A 19 -35.25 -10.88 7.02
N THR A 20 -34.78 -10.08 7.97
CA THR A 20 -35.24 -8.71 8.11
C THR A 20 -34.06 -7.81 8.50
N MET A 21 -34.10 -6.56 8.03
CA MET A 21 -33.08 -5.57 8.34
C MET A 21 -33.82 -4.33 8.81
N SER A 22 -33.19 -3.58 9.69
CA SER A 22 -33.84 -2.40 10.23
C SER A 22 -33.15 -1.12 9.84
N CYS A 23 -33.92 -0.04 9.83
CA CYS A 23 -33.42 1.28 9.50
C CYS A 23 -34.02 2.17 10.56
N ARG A 24 -33.15 2.89 11.28
CA ARG A 24 -33.58 3.81 12.33
C ARG A 24 -33.09 5.22 11.97
N SER A 25 -34.03 6.15 11.84
CA SER A 25 -33.72 7.54 11.51
C SER A 25 -33.50 8.38 12.74
N SER A 26 -32.56 9.31 12.64
CA SER A 26 -32.23 10.20 13.75
C SER A 26 -33.42 11.02 14.22
N GLN A 27 -34.44 11.11 13.38
CA GLN A 27 -35.65 11.85 13.73
C GLN A 27 -36.82 11.27 12.95
N SER A 28 -38.03 11.64 13.34
CA SER A 28 -39.22 11.14 12.67
C SER A 28 -39.25 11.52 11.20
N LEU A 29 -39.69 10.59 10.36
CA LEU A 29 -39.77 10.82 8.93
C LEU A 29 -41.23 10.83 8.57
N PHE A 30 -42.09 10.97 9.57
CA PHE A 30 -43.52 10.99 9.32
C PHE A 30 -43.98 12.43 9.02
N ASN A 31 -44.64 12.60 7.88
CA ASN A 31 -45.16 13.91 7.48
C ASN A 31 -46.65 13.98 7.80
N SER A 32 -46.99 14.85 8.76
CA SER A 32 -48.36 15.04 9.19
C SER A 32 -49.30 15.48 8.10
N ARG A 33 -48.79 16.34 7.21
CA ARG A 33 -49.61 16.84 6.11
C ARG A 33 -50.11 15.75 5.16
N THR A 34 -49.19 14.99 4.58
CA THR A 34 -49.59 13.92 3.65
C THR A 34 -49.77 12.56 4.35
N ARG A 35 -49.62 12.54 5.67
CA ARG A 35 -49.76 11.31 6.46
C ARG A 35 -48.84 10.23 5.91
N LYS A 36 -47.68 10.61 5.40
CA LYS A 36 -46.75 9.64 4.85
C LYS A 36 -45.40 9.64 5.52
N ASN A 37 -44.74 8.49 5.44
CA ASN A 37 -43.41 8.31 5.98
C ASN A 37 -42.59 8.29 4.72
N TYR A 38 -41.64 9.20 4.62
CA TYR A 38 -40.79 9.26 3.45
C TYR A 38 -39.51 8.45 3.68
N LEU A 39 -39.60 7.18 3.29
CA LEU A 39 -38.51 6.21 3.42
C LEU A 39 -38.67 5.13 2.37
N ALA A 40 -37.58 4.83 1.68
CA ALA A 40 -37.61 3.81 0.67
C ALA A 40 -36.47 2.83 0.87
N TRP A 41 -36.57 1.67 0.22
CA TRP A 41 -35.53 0.66 0.28
C TRP A 41 -35.01 0.42 -1.13
N TYR A 42 -33.69 0.36 -1.26
CA TYR A 42 -33.04 0.17 -2.55
C TYR A 42 -32.26 -1.14 -2.56
N GLN A 43 -32.22 -1.79 -3.73
CA GLN A 43 -31.48 -3.04 -3.90
C GLN A 43 -30.36 -2.83 -4.91
N GLN A 44 -29.16 -3.17 -4.52
CA GLN A 44 -28.04 -3.04 -5.43
C GLN A 44 -27.34 -4.36 -5.60
N LYS A 45 -27.60 -5.02 -6.71
CA LYS A 45 -26.98 -6.30 -7.02
C LYS A 45 -25.52 -6.09 -7.44
N PRO A 46 -24.67 -7.10 -7.23
CA PRO A 46 -23.27 -6.93 -7.63
C PRO A 46 -23.14 -6.38 -9.04
N GLY A 47 -22.34 -5.33 -9.20
CA GLY A 47 -22.11 -4.76 -10.51
C GLY A 47 -23.17 -3.93 -11.21
N GLN A 48 -24.38 -3.87 -10.65
CA GLN A 48 -25.44 -3.08 -11.27
C GLN A 48 -25.72 -1.83 -10.43
N SER A 49 -26.59 -0.96 -10.92
CA SER A 49 -26.93 0.25 -10.18
C SER A 49 -28.15 -0.03 -9.29
N PRO A 50 -28.32 0.72 -8.19
CA PRO A 50 -29.44 0.51 -7.27
C PRO A 50 -30.80 0.59 -7.93
N THR A 51 -31.76 -0.16 -7.38
CA THR A 51 -33.14 -0.17 -7.85
C THR A 51 -34.03 -0.05 -6.62
N LYS A 52 -34.95 0.92 -6.65
CA LYS A 52 -35.86 1.11 -5.53
C LYS A 52 -36.85 -0.06 -5.46
N LEU A 53 -36.96 -0.66 -4.28
CA LEU A 53 -37.88 -1.79 -4.07
C LEU A 53 -39.19 -1.27 -3.49
N ILE A 54 -39.08 -0.37 -2.54
CA ILE A 54 -40.24 0.19 -1.85
C ILE A 54 -40.18 1.66 -1.54
N TYR A 55 -41.31 2.34 -1.72
CA TYR A 55 -41.43 3.76 -1.39
C TYR A 55 -42.54 3.95 -0.35
N TRP A 56 -42.47 5.07 0.35
CA TRP A 56 -43.42 5.40 1.41
C TRP A 56 -43.49 4.33 2.47
N ALA A 57 -42.31 3.85 2.85
CA ALA A 57 -42.15 2.84 3.89
C ALA A 57 -42.73 1.44 3.64
N SER A 58 -43.80 1.34 2.85
CA SER A 58 -44.41 0.04 2.61
C SER A 58 -45.21 -0.12 1.33
N THR A 59 -44.72 0.45 0.23
CA THR A 59 -45.43 0.34 -1.03
C THR A 59 -44.49 -0.25 -2.06
N ARG A 60 -44.65 -1.54 -2.39
CA ARG A 60 -43.78 -2.17 -3.36
C ARG A 60 -43.81 -1.41 -4.67
N GLU A 61 -42.65 -1.25 -5.30
CA GLU A 61 -42.59 -0.55 -6.55
C GLU A 61 -43.16 -1.47 -7.63
N SER A 62 -43.36 -0.91 -8.82
CA SER A 62 -43.91 -1.63 -9.98
C SER A 62 -43.00 -2.79 -10.41
N GLY A 63 -43.45 -4.02 -10.18
CA GLY A 63 -42.66 -5.17 -10.59
C GLY A 63 -41.88 -5.91 -9.51
N VAL A 64 -41.83 -5.35 -8.31
CA VAL A 64 -41.11 -5.99 -7.21
C VAL A 64 -41.95 -7.14 -6.65
N PRO A 65 -41.33 -8.32 -6.46
CA PRO A 65 -42.04 -9.50 -5.93
C PRO A 65 -42.62 -9.30 -4.54
N ASP A 66 -43.64 -10.11 -4.24
CA ASP A 66 -44.33 -10.05 -2.97
C ASP A 66 -43.45 -10.37 -1.77
N ARG A 67 -42.46 -11.25 -1.92
CA ARG A 67 -41.61 -11.62 -0.79
C ARG A 67 -40.90 -10.44 -0.11
N PHE A 68 -40.85 -9.29 -0.77
CA PHE A 68 -40.22 -8.09 -0.22
C PHE A 68 -41.28 -7.29 0.53
N THR A 69 -41.07 -7.05 1.82
CA THR A 69 -42.03 -6.30 2.63
C THR A 69 -41.44 -5.31 3.61
N GLY A 70 -41.86 -4.07 3.49
CA GLY A 70 -41.34 -3.05 4.38
C GLY A 70 -42.41 -2.54 5.32
N SER A 71 -41.97 -2.13 6.50
CA SER A 71 -42.91 -1.61 7.49
C SER A 71 -42.21 -0.67 8.45
N GLY A 72 -42.98 -0.14 9.38
CA GLY A 72 -42.47 0.79 10.35
C GLY A 72 -43.12 2.14 10.14
N SER A 73 -42.91 3.03 11.09
CA SER A 73 -43.46 4.38 11.02
C SER A 73 -42.66 5.23 12.00
N GLY A 74 -42.58 6.53 11.71
CA GLY A 74 -41.85 7.42 12.58
C GLY A 74 -40.36 7.25 12.46
N THR A 75 -39.75 6.59 13.43
CA THR A 75 -38.31 6.41 13.43
C THR A 75 -37.81 4.98 13.23
N ASP A 76 -38.70 4.00 13.33
CA ASP A 76 -38.29 2.62 13.15
C ASP A 76 -38.97 1.93 11.98
N PHE A 77 -38.15 1.40 11.09
CA PHE A 77 -38.65 0.69 9.92
C PHE A 77 -37.83 -0.58 9.69
N THR A 78 -38.40 -1.52 8.94
CA THR A 78 -37.71 -2.77 8.64
C THR A 78 -38.10 -3.33 7.28
N LEU A 79 -37.18 -4.09 6.70
CA LEU A 79 -37.41 -4.71 5.41
C LEU A 79 -37.36 -6.21 5.61
N THR A 80 -38.24 -6.92 4.93
CA THR A 80 -38.30 -8.36 5.06
C THR A 80 -38.45 -9.05 3.71
N ILE A 81 -37.78 -10.19 3.58
CA ILE A 81 -37.89 -10.98 2.36
C ILE A 81 -38.41 -12.31 2.85
N SER A 82 -39.62 -12.66 2.41
CA SER A 82 -40.29 -13.91 2.78
C SER A 82 -39.38 -15.11 2.69
N SER A 83 -39.06 -15.49 1.46
CA SER A 83 -38.17 -16.61 1.20
C SER A 83 -37.03 -16.11 0.31
N VAL A 84 -35.92 -15.72 0.94
CA VAL A 84 -34.76 -15.21 0.23
C VAL A 84 -34.30 -16.17 -0.85
N GLN A 85 -34.36 -15.74 -2.10
CA GLN A 85 -33.94 -16.59 -3.20
C GLN A 85 -32.47 -16.29 -3.55
N ALA A 86 -31.96 -16.83 -4.64
CA ALA A 86 -30.56 -16.60 -5.01
C ALA A 86 -30.31 -15.21 -5.58
N GLU A 87 -31.17 -14.81 -6.49
CA GLU A 87 -31.08 -13.51 -7.14
C GLU A 87 -31.26 -12.33 -6.16
N ASP A 88 -31.54 -12.64 -4.91
CA ASP A 88 -31.72 -11.62 -3.89
C ASP A 88 -30.37 -11.19 -3.36
N LEU A 89 -29.33 -11.90 -3.77
CA LEU A 89 -27.98 -11.56 -3.34
C LEU A 89 -27.72 -10.12 -3.77
N ALA A 90 -27.42 -9.24 -2.80
CA ALA A 90 -27.16 -7.83 -3.06
C ALA A 90 -26.94 -7.07 -1.76
N ILE A 91 -26.89 -5.75 -1.87
CA ILE A 91 -26.73 -4.87 -0.71
C ILE A 91 -27.99 -4.02 -0.67
N TYR A 92 -28.63 -3.97 0.49
CA TYR A 92 -29.86 -3.20 0.63
C TYR A 92 -29.64 -1.91 1.39
N TYR A 93 -30.22 -0.84 0.86
CA TYR A 93 -30.07 0.46 1.46
C TYR A 93 -31.45 1.06 1.67
N CYS A 94 -31.57 1.93 2.67
CA CYS A 94 -32.82 2.65 2.95
C CYS A 94 -32.48 4.12 2.74
N LYS A 95 -33.41 4.86 2.16
CA LYS A 95 -33.24 6.29 1.89
C LYS A 95 -34.39 7.11 2.49
N GLN A 96 -34.07 8.10 3.33
CA GLN A 96 -35.12 8.93 3.89
C GLN A 96 -35.29 10.18 3.03
N SER A 97 -36.53 10.60 2.84
CA SER A 97 -36.83 11.76 2.01
C SER A 97 -37.64 12.81 2.78
N TYR A 98 -37.43 12.92 4.08
CA TYR A 98 -38.16 13.92 4.85
C TYR A 98 -37.47 15.28 4.71
N ASP A 99 -36.15 15.24 4.55
CA ASP A 99 -35.34 16.44 4.43
C ASP A 99 -33.94 16.12 3.87
N LEU A 100 -33.63 16.64 2.69
CA LEU A 100 -32.35 16.41 2.02
C LEU A 100 -32.03 14.93 2.13
N PRO A 101 -32.38 14.14 1.10
CA PRO A 101 -32.13 12.70 1.09
C PRO A 101 -30.83 12.24 1.75
N THR A 102 -30.94 11.17 2.54
CA THR A 102 -29.82 10.58 3.26
C THR A 102 -29.92 9.07 3.14
N PHE A 103 -28.79 8.39 2.97
CA PHE A 103 -28.79 6.93 2.84
C PHE A 103 -28.22 6.18 4.04
N GLY A 104 -28.70 4.96 4.23
CA GLY A 104 -28.21 4.14 5.33
C GLY A 104 -26.88 3.58 4.92
N ALA A 105 -26.12 3.04 5.86
CA ALA A 105 -24.81 2.45 5.55
C ALA A 105 -24.95 1.19 4.69
N GLY A 106 -26.15 0.60 4.67
CA GLY A 106 -26.39 -0.60 3.87
C GLY A 106 -26.37 -1.94 4.56
N THR A 107 -27.10 -2.91 4.01
CA THR A 107 -27.16 -4.28 4.53
C THR A 107 -26.72 -5.28 3.45
N LYS A 108 -25.61 -5.98 3.66
CA LYS A 108 -25.09 -6.95 2.68
C LYS A 108 -25.65 -8.36 2.85
N LEU A 109 -26.60 -8.75 1.99
CA LEU A 109 -27.21 -10.07 2.06
C LEU A 109 -26.42 -11.09 1.22
N GLU A 110 -25.88 -12.09 1.89
CA GLU A 110 -25.11 -13.14 1.24
C GLU A 110 -25.85 -14.46 1.37
N LEU A 111 -25.53 -15.43 0.52
CA LEU A 111 -26.17 -16.74 0.57
C LEU A 111 -25.25 -17.79 1.20
N LYS A 112 -25.84 -18.80 1.83
CA LYS A 112 -25.04 -19.84 2.44
C LYS A 112 -25.27 -21.15 1.68
N ARG A 113 -24.20 -21.86 1.39
CA ARG A 113 -24.32 -23.13 0.71
C ARG A 113 -23.30 -24.06 1.29
N SER A 114 -23.24 -25.28 0.75
CA SER A 114 -22.29 -26.27 1.23
C SER A 114 -20.86 -26.02 0.77
N ASP A 115 -19.93 -26.45 1.62
CA ASP A 115 -18.53 -26.32 1.32
C ASP A 115 -18.24 -26.78 -0.10
N ALA A 116 -17.33 -26.08 -0.77
CA ALA A 116 -16.94 -26.40 -2.14
C ALA A 116 -15.45 -26.10 -2.28
N ALA A 117 -14.69 -27.08 -2.79
CA ALA A 117 -13.25 -26.91 -2.96
C ALA A 117 -12.99 -26.19 -4.26
N PRO A 118 -12.03 -25.26 -4.24
CA PRO A 118 -11.67 -24.47 -5.42
C PRO A 118 -11.03 -25.29 -6.51
N THR A 119 -11.17 -24.80 -7.73
CA THR A 119 -10.58 -25.41 -8.90
C THR A 119 -9.42 -24.46 -9.14
N VAL A 120 -8.20 -24.96 -8.95
CA VAL A 120 -6.98 -24.17 -9.07
C VAL A 120 -6.19 -24.29 -10.38
N SER A 121 -5.83 -23.14 -10.93
CA SER A 121 -5.05 -23.05 -12.16
C SER A 121 -3.85 -22.12 -11.97
N ILE A 122 -2.68 -22.56 -12.42
CA ILE A 122 -1.45 -21.78 -12.31
C ILE A 122 -0.97 -21.35 -13.71
N PHE A 123 -0.54 -20.11 -13.86
CA PHE A 123 -0.08 -19.64 -15.15
C PHE A 123 1.24 -18.90 -15.06
N PRO A 124 2.29 -19.43 -15.71
CA PRO A 124 3.58 -18.76 -15.66
C PRO A 124 3.51 -17.46 -16.44
N PRO A 125 4.50 -16.57 -16.27
CA PRO A 125 4.43 -15.33 -17.02
C PRO A 125 4.50 -15.61 -18.52
N SER A 126 3.81 -14.78 -19.32
CA SER A 126 3.76 -14.89 -20.79
C SER A 126 5.05 -14.46 -21.50
N SER A 127 5.29 -14.96 -22.71
CA SER A 127 6.50 -14.62 -23.43
C SER A 127 6.60 -13.11 -23.58
N GLU A 128 5.50 -12.49 -24.00
CA GLU A 128 5.49 -11.04 -24.19
C GLU A 128 5.60 -10.19 -22.93
N GLN A 129 5.25 -10.72 -21.76
CA GLN A 129 5.40 -9.92 -20.57
C GLN A 129 6.87 -9.95 -20.22
N LEU A 130 7.50 -11.09 -20.45
CA LEU A 130 8.93 -11.26 -20.16
C LEU A 130 9.75 -10.18 -20.88
N THR A 131 9.48 -10.01 -22.17
CA THR A 131 10.17 -9.05 -23.01
C THR A 131 10.11 -7.61 -22.47
N SER A 132 9.28 -7.35 -21.48
CA SER A 132 9.19 -6.01 -20.92
C SER A 132 9.83 -5.91 -19.52
N GLY A 133 10.51 -6.97 -19.10
CA GLY A 133 11.18 -6.96 -17.81
C GLY A 133 10.35 -7.39 -16.63
N GLY A 134 9.07 -7.66 -16.86
CA GLY A 134 8.20 -8.07 -15.77
C GLY A 134 7.97 -9.58 -15.82
N ALA A 135 7.50 -10.16 -14.72
CA ALA A 135 7.24 -11.59 -14.66
C ALA A 135 6.18 -11.95 -13.62
N SER A 136 4.91 -11.97 -14.05
CA SER A 136 3.80 -12.30 -13.15
C SER A 136 3.41 -13.74 -13.28
N VAL A 137 3.24 -14.40 -12.15
CA VAL A 137 2.81 -15.77 -12.14
C VAL A 137 1.39 -15.65 -11.60
N VAL A 138 0.41 -16.18 -12.32
CA VAL A 138 -0.97 -16.08 -11.89
C VAL A 138 -1.57 -17.42 -11.48
N CYS A 139 -2.40 -17.36 -10.45
CA CYS A 139 -3.08 -18.53 -9.92
C CYS A 139 -4.57 -18.19 -9.74
N PHE A 140 -5.45 -19.00 -10.35
CA PHE A 140 -6.90 -18.83 -10.25
C PHE A 140 -7.52 -19.92 -9.38
N LEU A 141 -8.32 -19.51 -8.41
CA LEU A 141 -9.02 -20.43 -7.53
C LEU A 141 -10.50 -20.17 -7.82
N ASN A 142 -11.12 -21.07 -8.57
CA ASN A 142 -12.51 -20.84 -8.94
C ASN A 142 -13.57 -21.68 -8.26
N ASN A 143 -14.76 -21.12 -8.20
CA ASN A 143 -15.97 -21.72 -7.64
C ASN A 143 -15.78 -22.45 -6.31
N PHE A 144 -15.43 -21.74 -5.25
CA PHE A 144 -15.25 -22.39 -3.96
C PHE A 144 -16.17 -21.81 -2.90
N TYR A 145 -16.07 -22.32 -1.67
CA TYR A 145 -16.90 -21.87 -0.56
C TYR A 145 -16.49 -22.65 0.69
N PRO A 146 -16.43 -21.98 1.86
CA PRO A 146 -16.73 -20.56 2.09
C PRO A 146 -15.66 -19.61 1.56
N LYS A 147 -15.88 -18.32 1.79
CA LYS A 147 -14.96 -17.31 1.31
C LYS A 147 -13.56 -17.45 1.87
N ASP A 148 -13.44 -17.35 3.20
CA ASP A 148 -12.12 -17.42 3.82
C ASP A 148 -11.26 -18.62 3.43
N ILE A 149 -10.39 -18.37 2.46
CA ILE A 149 -9.44 -19.34 1.94
C ILE A 149 -8.09 -18.62 1.92
N ASN A 150 -7.00 -19.38 2.04
CA ASN A 150 -5.68 -18.78 2.04
C ASN A 150 -4.87 -19.30 0.85
N VAL A 151 -3.95 -18.48 0.35
CA VAL A 151 -3.09 -18.87 -0.78
C VAL A 151 -1.64 -18.57 -0.41
N LYS A 152 -0.78 -19.56 -0.57
CA LYS A 152 0.65 -19.38 -0.26
C LYS A 152 1.44 -19.65 -1.51
N TRP A 153 2.38 -18.77 -1.82
CA TRP A 153 3.20 -18.98 -2.99
C TRP A 153 4.55 -19.53 -2.52
N LYS A 154 5.09 -20.49 -3.28
CA LYS A 154 6.37 -21.08 -2.94
C LYS A 154 7.32 -21.11 -4.13
N ILE A 155 8.40 -20.33 -4.04
CA ILE A 155 9.41 -20.25 -5.07
C ILE A 155 10.56 -21.18 -4.72
N ASP A 156 10.70 -22.27 -5.48
CA ASP A 156 11.75 -23.26 -5.22
C ASP A 156 11.55 -23.86 -3.84
N GLY A 157 10.31 -23.97 -3.43
CA GLY A 157 10.02 -24.55 -2.13
C GLY A 157 10.02 -23.54 -1.01
N SER A 158 10.42 -22.31 -1.27
CA SER A 158 10.44 -21.29 -0.22
C SER A 158 9.25 -20.38 -0.36
N GLU A 159 8.51 -20.21 0.73
CA GLU A 159 7.34 -19.36 0.70
C GLU A 159 7.73 -17.90 0.47
N ARG A 160 7.24 -17.32 -0.62
CA ARG A 160 7.50 -15.92 -0.92
C ARG A 160 6.28 -15.13 -0.46
N GLN A 161 6.54 -13.99 0.15
CA GLN A 161 5.48 -13.14 0.67
C GLN A 161 5.35 -11.85 -0.13
N ASN A 162 6.48 -11.37 -0.65
CA ASN A 162 6.52 -10.13 -1.41
C ASN A 162 6.05 -10.23 -2.87
N GLY A 163 5.21 -9.27 -3.25
CA GLY A 163 4.71 -9.20 -4.61
C GLY A 163 3.43 -9.94 -4.90
N VAL A 164 2.68 -10.29 -3.86
CA VAL A 164 1.44 -11.01 -4.05
C VAL A 164 0.22 -10.11 -3.88
N LEU A 165 -0.65 -10.10 -4.88
CA LEU A 165 -1.89 -9.32 -4.86
C LEU A 165 -3.04 -10.31 -4.97
N ASN A 166 -4.09 -10.11 -4.16
CA ASN A 166 -5.23 -11.00 -4.18
C ASN A 166 -6.57 -10.31 -4.44
N SER A 167 -7.41 -10.97 -5.21
CA SER A 167 -8.73 -10.46 -5.55
C SER A 167 -9.87 -11.47 -5.44
N TRP A 168 -10.95 -11.07 -4.77
CA TRP A 168 -12.12 -11.92 -4.59
C TRP A 168 -13.25 -11.34 -5.38
N THR A 169 -13.90 -12.19 -6.14
CA THR A 169 -15.04 -11.76 -6.91
C THR A 169 -16.22 -11.71 -5.92
N ASP A 170 -17.25 -10.95 -6.27
CA ASP A 170 -18.42 -10.87 -5.41
C ASP A 170 -19.00 -12.28 -5.43
N GLN A 171 -19.96 -12.55 -4.56
CA GLN A 171 -20.52 -13.87 -4.53
C GLN A 171 -21.36 -14.12 -5.76
N ASP A 172 -21.11 -15.24 -6.42
CA ASP A 172 -21.85 -15.63 -7.61
C ASP A 172 -23.27 -15.95 -7.14
N SER A 173 -24.27 -15.30 -7.74
CA SER A 173 -25.66 -15.54 -7.35
C SER A 173 -26.33 -16.73 -8.07
N LYS A 174 -25.50 -17.56 -8.71
CA LYS A 174 -25.98 -18.74 -9.41
C LYS A 174 -25.64 -19.99 -8.58
N ASP A 175 -24.36 -20.16 -8.23
CA ASP A 175 -23.91 -21.31 -7.43
C ASP A 175 -23.52 -20.91 -6.01
N SER A 176 -23.68 -19.64 -5.68
CA SER A 176 -23.37 -19.08 -4.36
C SER A 176 -21.93 -19.17 -3.91
N THR A 177 -21.02 -19.39 -4.87
CA THR A 177 -19.60 -19.51 -4.54
C THR A 177 -18.82 -18.25 -4.82
N TYR A 178 -17.52 -18.34 -4.56
CA TYR A 178 -16.61 -17.24 -4.77
C TYR A 178 -15.51 -17.74 -5.68
N SER A 179 -14.66 -16.82 -6.10
CA SER A 179 -13.52 -17.10 -6.94
C SER A 179 -12.54 -16.05 -6.53
N MET A 180 -11.26 -16.34 -6.68
CA MET A 180 -10.24 -15.37 -6.33
C MET A 180 -9.03 -15.56 -7.22
N SER A 181 -8.32 -14.46 -7.43
CA SER A 181 -7.13 -14.45 -8.24
C SER A 181 -5.94 -14.14 -7.36
N SER A 182 -4.83 -14.81 -7.60
CA SER A 182 -3.64 -14.59 -6.81
C SER A 182 -2.52 -14.33 -7.79
N THR A 183 -1.86 -13.18 -7.66
CA THR A 183 -0.78 -12.86 -8.56
C THR A 183 0.54 -12.56 -7.89
N LEU A 184 1.55 -13.35 -8.24
CA LEU A 184 2.88 -13.16 -7.71
C LEU A 184 3.69 -12.36 -8.71
N THR A 185 3.94 -11.09 -8.38
CA THR A 185 4.68 -10.23 -9.28
C THR A 185 6.15 -10.16 -8.95
N LEU A 186 6.98 -10.52 -9.92
CA LEU A 186 8.42 -10.51 -9.77
C LEU A 186 9.00 -9.78 -10.99
N THR A 187 10.31 -9.56 -10.96
CA THR A 187 11.01 -8.93 -12.07
C THR A 187 11.47 -10.10 -12.93
N LYS A 188 11.77 -9.87 -14.19
CA LYS A 188 12.21 -10.96 -15.03
C LYS A 188 13.47 -11.50 -14.39
N ASP A 189 14.24 -10.62 -13.74
CA ASP A 189 15.50 -11.00 -13.12
C ASP A 189 15.39 -12.08 -12.08
N GLU A 190 14.64 -11.84 -11.00
CA GLU A 190 14.48 -12.84 -9.94
C GLU A 190 13.69 -14.07 -10.44
N TYR A 191 12.75 -13.89 -11.37
CA TYR A 191 11.98 -15.01 -11.91
C TYR A 191 12.85 -16.07 -12.59
N GLU A 192 13.83 -15.60 -13.35
CA GLU A 192 14.72 -16.49 -14.09
C GLU A 192 15.91 -17.05 -13.30
N ARG A 193 15.97 -16.74 -12.00
CA ARG A 193 17.03 -17.25 -11.15
C ARG A 193 16.52 -18.52 -10.45
N HIS A 194 15.20 -18.58 -10.23
CA HIS A 194 14.59 -19.73 -9.57
C HIS A 194 13.94 -20.65 -10.59
N ASN A 195 13.49 -21.82 -10.16
CA ASN A 195 12.88 -22.77 -11.10
C ASN A 195 11.49 -23.29 -10.72
N SER A 196 11.29 -23.65 -9.46
CA SER A 196 10.02 -24.18 -8.99
C SER A 196 9.07 -23.09 -8.50
N TYR A 197 7.90 -23.00 -9.14
CA TYR A 197 6.87 -22.02 -8.79
C TYR A 197 5.60 -22.75 -8.40
N THR A 198 5.12 -22.54 -7.18
CA THR A 198 3.91 -23.23 -6.75
C THR A 198 2.85 -22.35 -6.09
N CYS A 199 1.61 -22.81 -6.18
CA CYS A 199 0.44 -22.15 -5.64
C CYS A 199 -0.31 -23.15 -4.75
N GLU A 200 -0.43 -22.84 -3.46
CA GLU A 200 -1.14 -23.72 -2.54
C GLU A 200 -2.41 -23.08 -2.01
N ALA A 201 -3.53 -23.79 -2.16
CA ALA A 201 -4.83 -23.31 -1.71
C ALA A 201 -5.38 -24.14 -0.56
N THR A 202 -5.02 -23.76 0.67
CA THR A 202 -5.50 -24.46 1.85
C THR A 202 -6.86 -23.88 2.20
N HIS A 203 -7.84 -24.77 2.35
CA HIS A 203 -9.19 -24.34 2.64
C HIS A 203 -9.85 -25.34 3.60
N LYS A 204 -10.93 -24.90 4.21
CA LYS A 204 -11.68 -25.75 5.14
C LYS A 204 -12.09 -27.06 4.47
N THR A 205 -12.54 -26.95 3.22
CA THR A 205 -13.01 -28.10 2.44
C THR A 205 -12.05 -29.30 2.39
N SER A 206 -10.79 -29.11 2.74
CA SER A 206 -9.81 -30.20 2.71
C SER A 206 -8.62 -30.00 3.65
N THR A 207 -8.26 -31.08 4.36
CA THR A 207 -7.14 -31.06 5.29
C THR A 207 -5.84 -30.83 4.54
N SER A 208 -5.72 -31.40 3.35
CA SER A 208 -4.54 -31.20 2.54
C SER A 208 -4.89 -30.11 1.52
N PRO A 209 -4.17 -28.99 1.56
CA PRO A 209 -4.40 -27.88 0.64
C PRO A 209 -4.24 -28.27 -0.83
N ILE A 210 -5.06 -27.71 -1.72
CA ILE A 210 -4.95 -28.03 -3.15
C ILE A 210 -3.70 -27.36 -3.69
N VAL A 211 -2.85 -28.14 -4.37
CA VAL A 211 -1.61 -27.61 -4.92
C VAL A 211 -1.48 -27.76 -6.43
N LYS A 212 -0.90 -26.72 -7.02
CA LYS A 212 -0.66 -26.66 -8.45
C LYS A 212 0.65 -25.89 -8.58
N SER A 213 1.50 -26.31 -9.50
CA SER A 213 2.76 -25.60 -9.70
C SER A 213 3.37 -26.00 -11.03
N PHE A 214 4.52 -25.39 -11.34
CA PHE A 214 5.24 -25.66 -12.58
C PHE A 214 6.72 -25.31 -12.43
N ASN A 215 7.51 -25.58 -13.47
CA ASN A 215 8.95 -25.28 -13.46
C ASN A 215 9.31 -24.64 -14.80
N ARG A 216 10.06 -23.55 -14.78
CA ARG A 216 10.42 -22.85 -16.00
C ARG A 216 11.04 -23.71 -17.10
N ASN A 217 12.06 -24.46 -16.72
CA ASN A 217 12.80 -25.31 -17.66
C ASN A 217 11.92 -26.13 -18.59
N GLU B 1 -39.60 5.00 -23.79
CA GLU B 1 -39.15 4.43 -22.49
C GLU B 1 -38.04 5.29 -21.88
N VAL B 2 -37.91 5.22 -20.55
CA VAL B 2 -36.90 5.97 -19.81
C VAL B 2 -35.48 5.47 -20.07
N MET B 3 -34.54 6.41 -20.21
CA MET B 3 -33.14 6.08 -20.43
C MET B 3 -32.28 7.24 -19.96
N LEU B 4 -31.33 6.93 -19.09
CA LEU B 4 -30.43 7.96 -18.56
C LEU B 4 -29.00 7.47 -18.72
N VAL B 5 -28.17 8.25 -19.40
CA VAL B 5 -26.79 7.86 -19.63
C VAL B 5 -25.84 8.99 -19.20
N GLU B 6 -24.98 8.71 -18.24
CA GLU B 6 -24.07 9.76 -17.81
C GLU B 6 -22.73 9.66 -18.52
N SER B 7 -22.20 10.83 -18.88
CA SER B 7 -20.92 10.97 -19.55
C SER B 7 -20.04 11.91 -18.75
N GLY B 8 -18.86 11.42 -18.39
CA GLY B 8 -17.92 12.21 -17.62
C GLY B 8 -16.50 11.98 -18.07
N PRO B 9 -15.54 12.69 -17.46
CA PRO B 9 -14.10 12.62 -17.78
C PRO B 9 -13.35 11.33 -17.45
N GLY B 10 -13.59 10.75 -16.28
CA GLY B 10 -12.88 9.53 -15.92
C GLY B 10 -11.75 9.82 -14.96
N LEU B 11 -10.89 10.75 -15.32
CA LEU B 11 -9.79 11.19 -14.48
C LEU B 11 -9.76 12.69 -14.54
N VAL B 12 -9.76 13.31 -13.36
CA VAL B 12 -9.71 14.76 -13.26
C VAL B 12 -8.70 15.09 -12.13
N ALA B 13 -7.87 16.10 -12.33
CA ALA B 13 -6.86 16.46 -11.32
C ALA B 13 -7.46 17.24 -10.18
N PRO B 14 -6.87 17.12 -8.97
CA PRO B 14 -7.40 17.85 -7.82
C PRO B 14 -7.36 19.33 -8.16
N SER B 15 -8.26 20.13 -7.59
CA SER B 15 -8.22 21.54 -7.90
C SER B 15 -8.29 21.70 -9.43
N GLN B 16 -9.45 21.32 -9.96
CA GLN B 16 -9.78 21.39 -11.37
C GLN B 16 -11.28 21.24 -11.30
N SER B 17 -11.99 21.50 -12.39
CA SER B 17 -13.44 21.37 -12.35
C SER B 17 -13.87 20.03 -12.89
N LEU B 18 -15.04 19.59 -12.47
CA LEU B 18 -15.57 18.31 -12.90
C LEU B 18 -16.93 18.51 -13.49
N SER B 19 -17.13 18.04 -14.72
CA SER B 19 -18.44 18.18 -15.33
C SER B 19 -18.91 16.82 -15.84
N ILE B 20 -20.13 16.45 -15.44
CA ILE B 20 -20.73 15.18 -15.85
C ILE B 20 -22.06 15.47 -16.50
N THR B 21 -22.29 14.88 -17.66
CA THR B 21 -23.53 15.07 -18.40
C THR B 21 -24.49 13.88 -18.30
N CYS B 22 -25.76 14.15 -18.05
CA CYS B 22 -26.73 13.08 -17.96
C CYS B 22 -27.74 13.32 -19.06
N THR B 23 -27.68 12.51 -20.10
CA THR B 23 -28.61 12.62 -21.21
C THR B 23 -29.81 11.73 -20.95
N VAL B 24 -31.00 12.29 -21.04
CA VAL B 24 -32.19 11.50 -20.78
C VAL B 24 -32.99 11.23 -22.05
N SER B 25 -33.74 10.13 -22.04
CA SER B 25 -34.58 9.73 -23.17
C SER B 25 -35.93 9.22 -22.68
N GLY B 26 -36.99 9.52 -23.42
CA GLY B 26 -38.30 9.05 -23.06
C GLY B 26 -39.10 9.86 -22.06
N PHE B 27 -38.64 11.06 -21.74
CA PHE B 27 -39.38 11.89 -20.80
C PHE B 27 -38.88 13.32 -20.77
N SER B 28 -39.73 14.22 -20.27
CA SER B 28 -39.38 15.62 -20.20
C SER B 28 -38.84 16.02 -18.86
N LEU B 29 -37.71 16.73 -18.88
CA LEU B 29 -37.06 17.19 -17.67
C LEU B 29 -37.91 18.21 -16.95
N SER B 30 -38.96 18.68 -17.60
CA SER B 30 -39.83 19.69 -17.01
C SER B 30 -40.94 19.06 -16.19
N ASP B 31 -41.17 17.77 -16.41
CA ASP B 31 -42.21 17.04 -15.68
C ASP B 31 -41.64 16.25 -14.49
N TYR B 32 -40.39 15.79 -14.61
CA TYR B 32 -39.78 15.01 -13.54
C TYR B 32 -38.51 15.68 -13.01
N GLY B 33 -38.13 15.33 -11.79
CA GLY B 33 -36.91 15.86 -11.21
C GLY B 33 -35.76 14.91 -11.47
N VAL B 34 -34.53 15.41 -11.44
CA VAL B 34 -33.35 14.57 -11.67
C VAL B 34 -32.27 14.86 -10.63
N SER B 35 -31.97 13.85 -9.82
CA SER B 35 -30.97 13.98 -8.77
C SER B 35 -29.65 13.29 -9.09
N TRP B 36 -28.64 13.61 -8.29
CA TRP B 36 -27.34 13.00 -8.47
C TRP B 36 -26.89 12.30 -7.19
N ILE B 37 -26.51 11.04 -7.35
CA ILE B 37 -26.07 10.21 -6.24
C ILE B 37 -24.68 9.71 -6.60
N ARG B 38 -23.84 9.58 -5.60
CA ARG B 38 -22.47 9.15 -5.81
C ARG B 38 -22.17 7.96 -4.92
N GLN B 39 -21.10 7.24 -5.22
CA GLN B 39 -20.77 6.08 -4.40
C GLN B 39 -19.29 5.82 -4.49
N PRO B 40 -18.54 6.19 -3.45
CA PRO B 40 -17.08 5.99 -3.43
C PRO B 40 -16.75 4.53 -3.62
N PRO B 41 -15.52 4.24 -4.08
CA PRO B 41 -15.13 2.85 -4.27
C PRO B 41 -15.45 2.01 -3.04
N GLY B 42 -16.33 1.02 -3.20
CA GLY B 42 -16.70 0.15 -2.09
C GLY B 42 -17.18 0.90 -0.86
N LYS B 43 -18.28 1.63 -0.99
CA LYS B 43 -18.84 2.39 0.12
C LYS B 43 -20.32 2.62 -0.16
N GLY B 44 -20.96 3.38 0.74
CA GLY B 44 -22.38 3.64 0.59
C GLY B 44 -22.73 4.78 -0.33
N LEU B 45 -24.03 4.87 -0.60
CA LEU B 45 -24.57 5.90 -1.47
C LEU B 45 -24.65 7.27 -0.78
N GLU B 46 -24.30 8.31 -1.53
CA GLU B 46 -24.34 9.67 -1.01
C GLU B 46 -25.13 10.57 -1.95
N TRP B 47 -26.26 11.04 -1.49
CA TRP B 47 -27.08 11.92 -2.29
C TRP B 47 -26.38 13.28 -2.40
N LEU B 48 -26.22 13.75 -3.63
CA LEU B 48 -25.54 15.02 -3.88
C LEU B 48 -26.50 16.20 -4.07
N GLY B 49 -27.55 16.01 -4.87
CA GLY B 49 -28.50 17.07 -5.09
C GLY B 49 -29.56 16.72 -6.10
N VAL B 50 -30.45 17.67 -6.39
CA VAL B 50 -31.53 17.47 -7.36
C VAL B 50 -31.99 18.76 -8.09
N ILE B 51 -32.38 18.61 -9.35
CA ILE B 51 -32.87 19.71 -10.16
C ILE B 51 -34.34 19.33 -10.43
N TRP B 52 -35.25 20.10 -9.87
CA TRP B 52 -36.66 19.82 -10.03
C TRP B 52 -37.29 20.34 -11.30
N GLY B 53 -38.54 19.98 -11.51
CA GLY B 53 -39.25 20.42 -12.69
C GLY B 53 -39.37 21.93 -12.78
N ASP B 54 -39.92 22.58 -11.75
CA ASP B 54 -40.05 24.03 -11.80
C ASP B 54 -38.67 24.68 -11.93
N GLY B 55 -37.61 23.86 -11.95
CA GLY B 55 -36.26 24.38 -12.09
C GLY B 55 -35.46 24.52 -10.79
N SER B 56 -36.13 24.46 -9.64
CA SER B 56 -35.46 24.59 -8.33
C SER B 56 -34.44 23.49 -8.07
N THR B 57 -33.34 23.89 -7.43
CA THR B 57 -32.27 22.96 -7.15
C THR B 57 -31.99 22.91 -5.66
N TYR B 58 -31.58 21.73 -5.20
CA TYR B 58 -31.26 21.50 -3.79
C TYR B 58 -30.00 20.64 -3.71
N TYR B 59 -29.11 20.98 -2.79
CA TYR B 59 -27.87 20.25 -2.67
C TYR B 59 -27.65 19.70 -1.26
N ALA B 60 -26.75 18.73 -1.16
CA ALA B 60 -26.39 18.13 0.12
C ALA B 60 -25.48 19.13 0.87
N SER B 61 -25.75 19.34 2.14
CA SER B 61 -24.99 20.30 2.93
C SER B 61 -23.49 20.07 2.94
N ALA B 62 -23.07 18.81 2.80
CA ALA B 62 -21.65 18.45 2.79
C ALA B 62 -20.86 19.28 1.82
N LEU B 63 -21.25 19.22 0.54
CA LEU B 63 -20.58 19.99 -0.50
C LEU B 63 -21.44 21.19 -0.81
N LYS B 64 -21.52 22.10 0.16
CA LYS B 64 -22.34 23.31 0.04
C LYS B 64 -22.17 24.13 -1.23
N PHE B 65 -21.06 24.85 -1.35
CA PHE B 65 -20.85 25.70 -2.52
C PHE B 65 -19.93 25.11 -3.57
N ARG B 66 -19.65 23.82 -3.46
CA ARG B 66 -18.76 23.15 -4.41
C ARG B 66 -19.46 22.48 -5.57
N LEU B 67 -20.75 22.22 -5.41
CA LEU B 67 -21.51 21.53 -6.43
C LEU B 67 -22.69 22.31 -6.97
N THR B 68 -22.90 22.16 -8.28
CA THR B 68 -23.95 22.83 -9.00
C THR B 68 -24.64 21.94 -10.03
N ILE B 69 -25.95 22.03 -10.09
CA ILE B 69 -26.72 21.26 -11.03
C ILE B 69 -27.54 22.15 -11.93
N SER B 70 -27.52 21.87 -13.22
CA SER B 70 -28.27 22.63 -14.22
C SER B 70 -28.73 21.72 -15.35
N LYS B 71 -29.57 22.21 -16.24
CA LYS B 71 -30.07 21.39 -17.35
C LYS B 71 -30.46 22.22 -18.56
N ASP B 72 -30.50 21.59 -19.74
CA ASP B 72 -30.90 22.20 -21.02
C ASP B 72 -31.96 21.30 -21.66
N SER B 73 -33.24 21.68 -21.52
CA SER B 73 -34.38 20.93 -22.04
C SER B 73 -34.29 20.68 -23.53
N SER B 74 -33.74 21.65 -24.25
CA SER B 74 -33.56 21.49 -25.67
C SER B 74 -32.65 20.30 -25.92
N LYS B 75 -31.48 20.31 -25.26
CA LYS B 75 -30.48 19.25 -25.39
C LYS B 75 -30.91 17.99 -24.65
N SER B 76 -31.88 18.16 -23.78
CA SER B 76 -32.39 17.04 -23.00
C SER B 76 -31.26 16.46 -22.14
N GLN B 77 -30.55 17.34 -21.43
CA GLN B 77 -29.43 16.93 -20.60
C GLN B 77 -29.40 17.68 -19.27
N VAL B 78 -28.82 17.05 -18.26
CA VAL B 78 -28.66 17.65 -16.94
C VAL B 78 -27.15 17.57 -16.67
N PHE B 79 -26.61 18.60 -16.02
CA PHE B 79 -25.19 18.62 -15.75
C PHE B 79 -24.83 18.78 -14.29
N LEU B 80 -23.84 18.04 -13.87
CA LEU B 80 -23.35 18.15 -12.50
C LEU B 80 -21.99 18.83 -12.65
N ASN B 81 -21.78 19.91 -11.91
CA ASN B 81 -20.50 20.61 -11.97
C ASN B 81 -19.93 20.74 -10.57
N MET B 82 -18.67 20.36 -10.39
CA MET B 82 -18.02 20.45 -9.09
C MET B 82 -16.66 21.11 -9.16
N HIS B 83 -16.38 22.04 -8.27
CA HIS B 83 -15.07 22.67 -8.25
C HIS B 83 -14.43 22.47 -6.86
N SER B 84 -13.16 22.85 -6.74
CA SER B 84 -12.42 22.65 -5.47
C SER B 84 -12.49 21.16 -5.20
N LEU B 85 -12.02 20.37 -6.16
CA LEU B 85 -12.09 18.93 -6.03
C LEU B 85 -11.11 18.35 -5.00
N GLN B 86 -11.57 17.26 -4.39
CA GLN B 86 -10.83 16.49 -3.38
C GLN B 86 -10.75 15.04 -3.82
N THR B 87 -9.71 14.33 -3.42
CA THR B 87 -9.60 12.94 -3.81
C THR B 87 -10.81 12.13 -3.31
N ASP B 88 -11.46 12.60 -2.26
CA ASP B 88 -12.64 11.92 -1.71
C ASP B 88 -13.83 11.97 -2.69
N ASP B 89 -13.73 12.83 -3.69
CA ASP B 89 -14.80 12.95 -4.66
C ASP B 89 -14.72 11.82 -5.68
N SER B 90 -13.63 11.07 -5.63
CA SER B 90 -13.46 9.93 -6.52
C SER B 90 -14.60 8.98 -6.22
N ALA B 91 -15.44 8.72 -7.22
CA ALA B 91 -16.57 7.83 -7.03
C ALA B 91 -17.36 7.56 -8.31
N MET B 92 -18.30 6.63 -8.20
CA MET B 92 -19.19 6.28 -9.30
C MET B 92 -20.32 7.30 -9.17
N TYR B 93 -20.61 8.01 -10.26
CA TYR B 93 -21.64 9.02 -10.26
C TYR B 93 -22.87 8.56 -11.04
N TYR B 94 -24.05 8.67 -10.41
CA TYR B 94 -25.34 8.28 -10.99
C TYR B 94 -26.36 9.42 -11.06
N CYS B 95 -27.16 9.46 -12.12
CA CYS B 95 -28.23 10.45 -12.17
C CYS B 95 -29.50 9.61 -12.14
N ALA B 96 -30.54 10.12 -11.50
CA ALA B 96 -31.77 9.35 -11.41
C ALA B 96 -33.02 10.17 -11.61
N LYS B 97 -33.97 9.59 -12.35
CA LYS B 97 -35.26 10.21 -12.61
C LYS B 97 -36.14 9.97 -11.39
N HIS B 98 -36.59 11.04 -10.76
CA HIS B 98 -37.42 10.93 -9.57
C HIS B 98 -38.69 11.74 -9.69
N THR B 99 -39.58 11.55 -8.73
CA THR B 99 -40.85 12.28 -8.71
C THR B 99 -41.00 12.70 -7.24
N TYR B 100 -41.99 13.53 -6.93
CA TYR B 100 -42.18 13.98 -5.54
C TYR B 100 -42.13 12.76 -4.63
N GLY B 101 -43.11 11.89 -4.81
CA GLY B 101 -43.22 10.68 -4.04
C GLY B 101 -43.97 9.69 -4.90
N GLY B 102 -43.35 8.58 -5.26
CA GLY B 102 -44.04 7.61 -6.07
C GLY B 102 -43.19 6.84 -7.04
N PRO B 103 -43.83 6.10 -7.96
CA PRO B 103 -43.21 5.27 -9.01
C PRO B 103 -42.44 6.08 -10.03
N GLY B 104 -41.46 5.43 -10.66
CA GLY B 104 -40.65 6.11 -11.65
C GLY B 104 -39.17 6.00 -11.38
N ASP B 105 -38.76 6.36 -10.16
CA ASP B 105 -37.36 6.31 -9.74
C ASP B 105 -36.51 5.29 -10.52
N SER B 106 -35.82 5.75 -11.58
CA SER B 106 -34.96 4.86 -12.37
C SER B 106 -33.58 5.48 -12.55
N TRP B 107 -32.55 4.74 -12.16
CA TRP B 107 -31.18 5.22 -12.22
C TRP B 107 -30.45 4.90 -13.49
N GLY B 108 -29.37 5.63 -13.74
CA GLY B 108 -28.58 5.39 -14.93
C GLY B 108 -27.46 4.43 -14.58
N GLN B 109 -26.72 3.97 -15.57
CA GLN B 109 -25.62 3.04 -15.32
C GLN B 109 -24.49 3.65 -14.50
N GLY B 110 -24.44 4.98 -14.45
CA GLY B 110 -23.38 5.64 -13.68
C GLY B 110 -22.07 5.74 -14.43
N THR B 111 -21.17 6.62 -13.96
CA THR B 111 -19.86 6.77 -14.59
C THR B 111 -18.82 6.82 -13.49
N SER B 112 -17.63 6.32 -13.78
CA SER B 112 -16.60 6.34 -12.76
C SER B 112 -15.77 7.59 -12.92
N VAL B 113 -15.48 8.24 -11.81
CA VAL B 113 -14.67 9.47 -11.82
C VAL B 113 -13.63 9.39 -10.71
N THR B 114 -12.37 9.56 -11.07
CA THR B 114 -11.33 9.55 -10.07
C THR B 114 -10.62 10.90 -10.05
N VAL B 115 -10.39 11.42 -8.85
CA VAL B 115 -9.70 12.69 -8.68
C VAL B 115 -8.25 12.35 -8.30
N SER B 116 -7.29 12.63 -9.18
CA SER B 116 -5.91 12.28 -8.89
C SER B 116 -4.90 13.02 -9.74
N SER B 117 -3.67 13.03 -9.26
CA SER B 117 -2.55 13.68 -9.94
C SER B 117 -1.85 12.68 -10.86
N ALA B 118 -2.02 11.40 -10.57
CA ALA B 118 -1.41 10.37 -11.38
C ALA B 118 -1.81 10.58 -12.83
N SER B 119 -0.89 10.32 -13.75
CA SER B 119 -1.17 10.49 -15.17
C SER B 119 -1.79 9.22 -15.73
N THR B 120 -2.85 9.38 -16.52
CA THR B 120 -3.54 8.24 -17.09
C THR B 120 -2.58 7.45 -17.98
N THR B 121 -2.59 6.13 -17.80
CA THR B 121 -1.74 5.24 -18.58
C THR B 121 -2.56 4.02 -19.02
N PRO B 122 -2.44 3.59 -20.30
CA PRO B 122 -3.16 2.43 -20.86
C PRO B 122 -2.68 1.11 -20.33
N PRO B 123 -3.52 0.06 -20.42
CA PRO B 123 -3.11 -1.25 -19.92
C PRO B 123 -2.29 -2.09 -20.89
N SER B 124 -1.58 -3.07 -20.34
CA SER B 124 -0.78 -4.01 -21.11
C SER B 124 -1.60 -5.27 -20.98
N VAL B 125 -1.80 -5.98 -22.07
CA VAL B 125 -2.61 -7.19 -22.01
C VAL B 125 -1.80 -8.45 -22.33
N PHE B 126 -1.70 -9.34 -21.35
CA PHE B 126 -0.95 -10.58 -21.51
C PHE B 126 -1.89 -11.78 -21.47
N PRO B 127 -1.67 -12.74 -22.38
CA PRO B 127 -2.46 -13.96 -22.51
C PRO B 127 -2.02 -14.99 -21.51
N LEU B 128 -2.98 -15.65 -20.89
CA LEU B 128 -2.69 -16.69 -19.93
C LEU B 128 -3.20 -17.99 -20.53
N ALA B 129 -2.26 -18.73 -21.11
CA ALA B 129 -2.53 -20.01 -21.74
C ALA B 129 -1.96 -21.12 -20.86
N PRO B 130 -2.59 -22.33 -20.90
CA PRO B 130 -2.24 -23.53 -20.11
C PRO B 130 -0.79 -24.04 -20.29
N GLY B 131 -0.31 -24.72 -19.21
CA GLY B 131 0.99 -25.37 -19.12
C GLY B 131 1.45 -26.12 -20.36
N SER B 132 0.63 -26.25 -21.43
CA SER B 132 1.02 -26.98 -22.67
C SER B 132 0.86 -28.52 -22.48
N ALA B 133 1.77 -29.10 -21.69
CA ALA B 133 1.74 -30.54 -21.36
C ALA B 133 1.99 -30.73 -19.83
N ALA B 134 0.97 -30.39 -19.03
CA ALA B 134 1.04 -30.52 -17.55
C ALA B 134 -0.29 -31.02 -16.95
N GLN B 135 -1.37 -30.88 -17.72
CA GLN B 135 -2.69 -31.32 -17.24
C GLN B 135 -3.82 -31.21 -18.28
N THR B 136 -4.18 -32.35 -18.88
CA THR B 136 -5.29 -32.41 -19.85
C THR B 136 -6.53 -32.76 -19.02
N ASN B 137 -7.70 -32.37 -19.53
CA ASN B 137 -8.93 -32.68 -18.84
C ASN B 137 -10.10 -32.27 -19.69
N SER B 138 -11.31 -32.41 -19.18
CA SER B 138 -12.50 -32.02 -19.90
C SER B 138 -12.58 -30.49 -19.95
N MET B 139 -12.31 -29.86 -18.80
CA MET B 139 -12.35 -28.41 -18.68
C MET B 139 -10.97 -27.80 -18.82
N VAL B 140 -10.92 -26.58 -19.33
CA VAL B 140 -9.66 -25.89 -19.49
C VAL B 140 -9.91 -24.43 -19.22
N THR B 141 -9.07 -23.87 -18.35
CA THR B 141 -9.20 -22.48 -17.99
C THR B 141 -8.09 -21.65 -18.61
N LEU B 142 -8.51 -20.63 -19.35
CA LEU B 142 -7.61 -19.68 -20.01
C LEU B 142 -7.68 -18.38 -19.20
N GLY B 143 -6.81 -17.44 -19.48
CA GLY B 143 -6.84 -16.21 -18.73
C GLY B 143 -6.40 -15.02 -19.55
N CYS B 144 -6.43 -13.85 -18.92
CA CYS B 144 -6.09 -12.62 -19.59
C CYS B 144 -5.67 -11.73 -18.42
N LEU B 145 -4.43 -11.26 -18.46
CA LEU B 145 -3.93 -10.39 -17.41
C LEU B 145 -3.85 -8.94 -17.91
N VAL B 146 -4.44 -8.01 -17.19
CA VAL B 146 -4.43 -6.60 -17.61
C VAL B 146 -3.67 -5.78 -16.56
N LYS B 147 -2.44 -5.38 -16.87
CA LYS B 147 -1.70 -4.64 -15.88
C LYS B 147 -1.06 -3.33 -16.28
N GLY B 148 -0.98 -2.44 -15.31
CA GLY B 148 -0.33 -1.16 -15.54
C GLY B 148 -1.21 -0.01 -15.95
N TYR B 149 -2.52 -0.09 -15.76
CA TYR B 149 -3.37 1.02 -16.17
C TYR B 149 -3.83 1.96 -15.06
N PHE B 150 -4.33 3.12 -15.49
CA PHE B 150 -4.85 4.13 -14.58
C PHE B 150 -5.65 5.14 -15.42
N PRO B 151 -6.88 5.48 -15.00
CA PRO B 151 -7.57 5.02 -13.80
C PRO B 151 -8.51 3.87 -14.11
N GLU B 152 -9.36 3.57 -13.15
CA GLU B 152 -10.34 2.54 -13.32
C GLU B 152 -11.42 3.26 -14.11
N PRO B 153 -12.30 2.50 -14.78
CA PRO B 153 -12.27 1.05 -14.79
C PRO B 153 -11.72 0.49 -16.10
N VAL B 154 -11.75 -0.82 -16.22
CA VAL B 154 -11.30 -1.47 -17.44
C VAL B 154 -12.44 -2.45 -17.69
N THR B 155 -12.59 -2.85 -18.95
CA THR B 155 -13.65 -3.77 -19.33
C THR B 155 -13.03 -4.96 -20.01
N VAL B 156 -13.53 -6.14 -19.70
CA VAL B 156 -13.02 -7.35 -20.31
C VAL B 156 -14.18 -8.22 -20.71
N THR B 157 -14.10 -8.77 -21.91
CA THR B 157 -15.13 -9.69 -22.39
C THR B 157 -14.39 -10.77 -23.15
N TRP B 158 -15.02 -11.92 -23.33
CA TRP B 158 -14.37 -12.97 -24.08
C TRP B 158 -15.12 -13.22 -25.37
N ASN B 159 -14.39 -13.22 -26.49
CA ASN B 159 -14.97 -13.39 -27.81
C ASN B 159 -16.08 -12.39 -28.01
N SER B 160 -15.74 -11.12 -27.79
CA SER B 160 -16.66 -10.02 -27.94
C SER B 160 -18.00 -10.27 -27.28
N GLY B 161 -18.00 -11.07 -26.20
CA GLY B 161 -19.24 -11.35 -25.48
C GLY B 161 -19.91 -12.68 -25.75
N SER B 162 -19.63 -13.30 -26.90
CA SER B 162 -20.23 -14.58 -27.25
C SER B 162 -19.94 -15.63 -26.18
N LEU B 163 -18.93 -15.36 -25.38
CA LEU B 163 -18.52 -16.26 -24.34
C LEU B 163 -18.62 -15.51 -23.02
N SER B 164 -19.72 -15.71 -22.29
CA SER B 164 -19.93 -15.01 -21.01
C SER B 164 -20.24 -15.99 -19.88
N SER B 165 -20.35 -17.26 -20.25
CA SER B 165 -20.62 -18.32 -19.28
C SER B 165 -19.29 -18.90 -18.80
N GLY B 166 -19.14 -19.02 -17.48
CA GLY B 166 -17.91 -19.57 -16.92
C GLY B 166 -16.77 -18.58 -16.94
N VAL B 167 -17.10 -17.30 -16.89
CA VAL B 167 -16.12 -16.24 -16.92
C VAL B 167 -15.98 -15.66 -15.51
N HIS B 168 -14.75 -15.29 -15.13
CA HIS B 168 -14.47 -14.70 -13.83
C HIS B 168 -13.50 -13.54 -14.00
N THR B 169 -14.01 -12.33 -13.83
CA THR B 169 -13.18 -11.17 -13.97
C THR B 169 -13.03 -10.62 -12.58
N PHE B 170 -11.80 -10.57 -12.11
CA PHE B 170 -11.55 -10.11 -10.76
C PHE B 170 -11.40 -8.60 -10.62
N PRO B 171 -11.79 -8.08 -9.46
CA PRO B 171 -11.69 -6.65 -9.17
C PRO B 171 -10.23 -6.19 -9.33
N ALA B 172 -10.03 -4.91 -9.58
CA ALA B 172 -8.67 -4.41 -9.73
C ALA B 172 -8.04 -4.14 -8.36
N VAL B 173 -6.74 -4.38 -8.27
CA VAL B 173 -6.01 -4.11 -7.05
C VAL B 173 -4.94 -3.08 -7.42
N LEU B 174 -4.96 -1.97 -6.70
CA LEU B 174 -4.00 -0.92 -6.94
C LEU B 174 -2.61 -1.37 -6.54
N GLN B 175 -1.71 -1.41 -7.51
CA GLN B 175 -0.33 -1.83 -7.28
C GLN B 175 0.64 -0.66 -7.56
N SER B 176 0.78 0.24 -6.57
CA SER B 176 1.66 1.42 -6.65
C SER B 176 1.33 2.41 -7.77
N ASP B 177 0.23 3.15 -7.60
CA ASP B 177 -0.23 4.17 -8.56
C ASP B 177 -0.90 3.59 -9.83
N LEU B 178 -0.67 2.31 -10.09
CA LEU B 178 -1.23 1.63 -11.26
C LEU B 178 -2.14 0.48 -10.87
N TYR B 179 -3.05 0.11 -11.76
CA TYR B 179 -3.99 -0.98 -11.47
C TYR B 179 -3.69 -2.26 -12.23
N THR B 180 -4.07 -3.38 -11.63
CA THR B 180 -3.89 -4.69 -12.24
C THR B 180 -5.15 -5.52 -12.00
N LEU B 181 -5.58 -6.19 -13.05
CA LEU B 181 -6.76 -7.04 -13.01
C LEU B 181 -6.52 -8.26 -13.89
N SER B 182 -7.31 -9.31 -13.66
CA SER B 182 -7.18 -10.50 -14.46
C SER B 182 -8.56 -11.12 -14.64
N SER B 183 -8.73 -11.83 -15.75
CA SER B 183 -10.00 -12.50 -16.02
C SER B 183 -9.70 -13.92 -16.46
N SER B 184 -10.52 -14.85 -16.03
CA SER B 184 -10.30 -16.23 -16.42
C SER B 184 -11.58 -16.71 -17.08
N VAL B 185 -11.44 -17.70 -17.95
CA VAL B 185 -12.60 -18.28 -18.61
C VAL B 185 -12.34 -19.78 -18.65
N THR B 186 -13.36 -20.56 -18.33
CA THR B 186 -13.22 -22.02 -18.36
C THR B 186 -14.10 -22.51 -19.50
N VAL B 187 -13.53 -23.34 -20.34
CA VAL B 187 -14.25 -23.87 -21.48
C VAL B 187 -13.92 -25.36 -21.67
N PRO B 188 -14.69 -26.06 -22.51
CA PRO B 188 -14.43 -27.49 -22.75
C PRO B 188 -13.16 -27.69 -23.59
N SER B 189 -12.52 -28.84 -23.46
CA SER B 189 -11.32 -29.07 -24.25
C SER B 189 -11.61 -29.17 -25.76
N SER B 190 -12.87 -29.43 -26.12
CA SER B 190 -13.29 -29.55 -27.52
C SER B 190 -13.14 -28.22 -28.28
N PRO B 191 -13.42 -27.08 -27.61
CA PRO B 191 -13.30 -25.74 -28.21
C PRO B 191 -11.88 -25.20 -28.39
N ARG B 192 -11.09 -25.18 -27.31
CA ARG B 192 -9.72 -24.66 -27.42
C ARG B 192 -8.69 -25.79 -27.40
N PRO B 193 -7.71 -25.75 -28.31
CA PRO B 193 -7.54 -24.71 -29.32
C PRO B 193 -8.44 -24.71 -30.56
N SER B 194 -9.15 -25.81 -30.83
CA SER B 194 -10.05 -25.89 -32.01
C SER B 194 -10.66 -24.54 -32.41
N GLU B 195 -11.71 -24.14 -31.70
CA GLU B 195 -12.35 -22.85 -31.92
C GLU B 195 -11.43 -21.84 -31.20
N THR B 196 -11.51 -20.57 -31.59
CA THR B 196 -10.67 -19.52 -31.01
C THR B 196 -11.22 -18.85 -29.72
N VAL B 197 -10.30 -18.37 -28.87
CA VAL B 197 -10.64 -17.68 -27.61
C VAL B 197 -9.82 -16.40 -27.47
N THR B 198 -10.51 -15.27 -27.51
CA THR B 198 -9.86 -13.97 -27.43
C THR B 198 -10.46 -13.13 -26.32
N CYS B 199 -9.64 -12.43 -25.55
CA CYS B 199 -10.20 -11.53 -24.56
C CYS B 199 -10.11 -10.13 -25.16
N ASN B 200 -11.12 -9.31 -24.90
CA ASN B 200 -11.15 -7.95 -25.42
C ASN B 200 -11.14 -7.00 -24.26
N VAL B 201 -10.10 -6.17 -24.20
CA VAL B 201 -9.92 -5.23 -23.11
C VAL B 201 -10.18 -3.80 -23.55
N ALA B 202 -10.98 -3.11 -22.78
CA ALA B 202 -11.31 -1.74 -23.10
C ALA B 202 -10.99 -0.84 -21.92
N HIS B 203 -10.25 0.23 -22.20
CA HIS B 203 -9.86 1.22 -21.19
C HIS B 203 -10.32 2.55 -21.78
N PRO B 204 -11.55 2.98 -21.47
CA PRO B 204 -12.05 4.25 -22.00
C PRO B 204 -11.28 5.50 -21.60
N ALA B 205 -10.77 5.57 -20.38
CA ALA B 205 -10.02 6.75 -19.92
C ALA B 205 -8.81 7.02 -20.80
N SER B 206 -8.34 6.00 -21.51
CA SER B 206 -7.17 6.15 -22.39
C SER B 206 -7.54 5.95 -23.86
N SER B 207 -8.84 5.81 -24.11
CA SER B 207 -9.34 5.62 -25.46
C SER B 207 -8.55 4.52 -26.14
N THR B 208 -8.48 3.40 -25.46
CA THR B 208 -7.72 2.27 -25.94
C THR B 208 -8.57 0.98 -25.89
N LYS B 209 -8.19 0.02 -26.72
CA LYS B 209 -8.86 -1.27 -26.77
C LYS B 209 -7.83 -2.26 -27.28
N VAL B 210 -7.79 -3.45 -26.68
CA VAL B 210 -6.84 -4.49 -27.06
C VAL B 210 -7.55 -5.82 -27.18
N ASP B 211 -7.22 -6.56 -28.24
CA ASP B 211 -7.77 -7.90 -28.44
C ASP B 211 -6.55 -8.80 -28.40
N LYS B 212 -6.60 -9.82 -27.57
CA LYS B 212 -5.49 -10.76 -27.46
C LYS B 212 -6.06 -12.16 -27.58
N LYS B 213 -5.70 -12.85 -28.65
CA LYS B 213 -6.16 -14.21 -28.87
C LYS B 213 -5.28 -15.10 -27.99
N ILE B 214 -5.87 -16.08 -27.31
CA ILE B 214 -5.09 -16.97 -26.45
C ILE B 214 -4.58 -18.16 -27.26
N VAL B 215 -3.27 -18.21 -27.49
CA VAL B 215 -2.68 -19.30 -28.27
C VAL B 215 -1.87 -20.26 -27.41
N PRO B 216 -1.89 -21.57 -27.77
CA PRO B 216 -1.17 -22.62 -27.06
C PRO B 216 0.25 -22.26 -26.75
N ARG B 217 0.66 -22.56 -25.52
CA ARG B 217 1.99 -22.29 -25.04
C ARG B 217 3.00 -22.83 -26.05
N ASP C 1 7.81 25.76 27.65
CA ASP C 1 7.99 24.65 26.66
C ASP C 1 7.52 23.35 27.29
N ILE C 2 6.91 22.49 26.47
CA ILE C 2 6.43 21.20 26.98
C ILE C 2 7.45 20.11 26.70
N GLN C 3 7.72 19.30 27.73
CA GLN C 3 8.69 18.22 27.67
C GLN C 3 8.03 16.85 27.73
N MET C 4 8.29 16.02 26.73
CA MET C 4 7.70 14.68 26.69
C MET C 4 8.68 13.59 27.13
N THR C 5 8.34 12.90 28.22
CA THR C 5 9.17 11.79 28.68
C THR C 5 8.44 10.49 28.33
N GLN C 6 9.15 9.63 27.63
CA GLN C 6 8.58 8.38 27.17
C GLN C 6 9.22 7.21 27.86
N SER C 7 8.49 6.11 27.89
CA SER C 7 8.98 4.88 28.50
C SER C 7 8.10 3.68 28.10
N PRO C 8 8.72 2.48 28.00
CA PRO C 8 10.15 2.25 28.23
C PRO C 8 11.00 2.57 27.03
N SER C 9 12.30 2.68 27.25
CA SER C 9 13.22 2.98 26.16
C SER C 9 13.11 1.88 25.10
N SER C 10 13.42 0.65 25.50
CA SER C 10 13.34 -0.49 24.59
C SER C 10 12.55 -1.66 25.18
N LEU C 11 11.70 -2.27 24.35
CA LEU C 11 10.88 -3.42 24.74
C LEU C 11 11.13 -4.64 23.86
N ALA C 12 11.29 -5.79 24.50
CA ALA C 12 11.50 -7.04 23.79
C ALA C 12 10.27 -7.91 24.05
N VAL C 13 9.66 -8.43 22.99
CA VAL C 13 8.46 -9.26 23.14
C VAL C 13 8.39 -10.38 22.08
N SER C 14 7.57 -11.40 22.34
CA SER C 14 7.42 -12.51 21.40
C SER C 14 6.10 -12.34 20.65
N PRO C 15 6.12 -12.56 19.33
CA PRO C 15 4.91 -12.42 18.52
C PRO C 15 3.65 -13.06 19.11
N GLY C 16 2.60 -12.25 19.19
CA GLY C 16 1.35 -12.70 19.76
C GLY C 16 1.11 -11.99 21.08
N GLU C 17 2.19 -11.62 21.76
CA GLU C 17 2.12 -10.93 23.05
C GLU C 17 1.45 -9.56 22.99
N LYS C 18 1.43 -8.88 24.13
CA LYS C 18 0.82 -7.55 24.25
C LYS C 18 1.72 -6.68 25.09
N VAL C 19 1.88 -5.43 24.70
CA VAL C 19 2.71 -4.50 25.45
C VAL C 19 2.16 -3.10 25.39
N THR C 20 2.66 -2.28 26.30
CA THR C 20 2.23 -0.90 26.39
C THR C 20 3.41 -0.01 26.73
N MET C 21 3.34 1.22 26.25
CA MET C 21 4.37 2.22 26.49
C MET C 21 3.65 3.46 26.96
N SER C 22 4.32 4.21 27.83
CA SER C 22 3.74 5.40 28.39
C SER C 22 4.38 6.68 27.89
N CYS C 23 3.57 7.73 27.87
CA CYS C 23 4.00 9.06 27.46
C CYS C 23 3.45 10.02 28.54
N ARG C 24 4.37 10.75 29.18
CA ARG C 24 4.00 11.72 30.22
C ARG C 24 4.44 13.12 29.85
N SER C 25 3.48 14.03 29.71
CA SER C 25 3.75 15.42 29.33
C SER C 25 4.03 16.27 30.55
N SER C 26 4.97 17.21 30.42
CA SER C 26 5.33 18.08 31.54
C SER C 26 4.17 18.97 31.96
N GLN C 27 3.12 19.00 31.14
CA GLN C 27 1.93 19.81 31.42
C GLN C 27 0.73 19.15 30.76
N SER C 28 -0.48 19.55 31.17
CA SER C 28 -1.71 19.02 30.61
C SER C 28 -1.80 19.33 29.15
N LEU C 29 -2.27 18.38 28.35
CA LEU C 29 -2.41 18.56 26.91
C LEU C 29 -3.89 18.61 26.62
N PHE C 30 -4.67 18.77 27.68
CA PHE C 30 -6.10 18.81 27.52
C PHE C 30 -6.59 20.21 27.16
N ASN C 31 -7.29 20.30 26.03
CA ASN C 31 -7.82 21.58 25.58
C ASN C 31 -9.30 21.67 25.96
N SER C 32 -9.61 22.59 26.89
CA SER C 32 -10.98 22.79 27.36
C SER C 32 -11.94 23.20 26.26
N ARG C 33 -11.46 24.03 25.33
CA ARG C 33 -12.28 24.51 24.23
C ARG C 33 -12.92 23.39 23.43
N THR C 34 -12.06 22.61 22.78
CA THR C 34 -12.51 21.50 21.95
C THR C 34 -12.60 20.17 22.69
N ARG C 35 -12.32 20.24 24.01
CA ARG C 35 -12.34 19.09 24.91
C ARG C 35 -11.54 17.91 24.36
N LYS C 36 -10.41 18.23 23.75
CA LYS C 36 -9.56 17.21 23.17
C LYS C 36 -8.16 17.29 23.75
N ASN C 37 -7.50 16.13 23.73
CA ASN C 37 -6.13 16.01 24.20
C ASN C 37 -5.37 15.96 22.89
N TYR C 38 -4.38 16.83 22.76
CA TYR C 38 -3.58 16.86 21.55
C TYR C 38 -2.30 16.06 21.74
N LEU C 39 -2.41 14.77 21.41
CA LEU C 39 -1.31 13.83 21.50
C LEU C 39 -1.53 12.74 20.45
N ALA C 40 -0.46 12.37 19.78
CA ALA C 40 -0.53 11.34 18.76
C ALA C 40 0.64 10.38 18.93
N TRP C 41 0.50 9.21 18.33
CA TRP C 41 1.52 8.16 18.37
C TRP C 41 1.97 7.92 16.95
N TYR C 42 3.28 7.84 16.77
CA TYR C 42 3.85 7.64 15.45
C TYR C 42 4.68 6.35 15.42
N GLN C 43 4.67 5.66 14.28
CA GLN C 43 5.44 4.43 14.16
C GLN C 43 6.47 4.60 13.05
N GLN C 44 7.72 4.31 13.39
CA GLN C 44 8.82 4.41 12.44
C GLN C 44 9.51 3.07 12.27
N LYS C 45 9.17 2.35 11.20
CA LYS C 45 9.78 1.07 10.93
C LYS C 45 11.22 1.30 10.50
N PRO C 46 12.10 0.30 10.68
CA PRO C 46 13.46 0.60 10.23
C PRO C 46 13.54 0.95 8.73
N GLY C 47 14.32 1.97 8.42
CA GLY C 47 14.47 2.36 7.04
C GLY C 47 13.37 3.21 6.43
N GLN C 48 12.23 3.34 7.10
CA GLN C 48 11.14 4.16 6.55
C GLN C 48 10.92 5.44 7.36
N SER C 49 9.99 6.29 6.89
CA SER C 49 9.68 7.54 7.58
C SER C 49 8.53 7.24 8.55
N PRO C 50 8.42 8.02 9.64
CA PRO C 50 7.33 7.77 10.59
C PRO C 50 5.94 7.89 10.00
N THR C 51 4.99 7.19 10.62
CA THR C 51 3.60 7.24 10.19
C THR C 51 2.77 7.38 11.45
N LYS C 52 1.79 8.28 11.40
CA LYS C 52 0.92 8.49 12.54
C LYS C 52 -0.01 7.31 12.69
N LEU C 53 -0.05 6.76 13.89
CA LEU C 53 -0.91 5.63 14.19
C LEU C 53 -2.22 6.17 14.79
N ILE C 54 -2.11 7.13 15.69
CA ILE C 54 -3.30 7.65 16.33
C ILE C 54 -3.21 9.14 16.71
N TYR C 55 -4.33 9.83 16.56
CA TYR C 55 -4.39 11.24 16.90
C TYR C 55 -5.45 11.46 17.97
N TRP C 56 -5.40 12.61 18.63
CA TRP C 56 -6.34 12.97 19.70
C TRP C 56 -6.34 11.93 20.81
N ALA C 57 -5.14 11.45 21.15
CA ALA C 57 -4.93 10.47 22.21
C ALA C 57 -5.52 9.06 22.03
N SER C 58 -6.60 8.92 21.26
CA SER C 58 -7.22 7.61 21.06
C SER C 58 -8.09 7.46 19.81
N THR C 59 -7.62 7.97 18.69
CA THR C 59 -8.39 7.86 17.45
C THR C 59 -7.48 7.22 16.40
N ARG C 60 -7.64 5.93 16.16
CA ARG C 60 -6.82 5.24 15.17
C ARG C 60 -6.93 5.94 13.83
N GLU C 61 -5.80 6.09 13.16
CA GLU C 61 -5.75 6.74 11.86
C GLU C 61 -6.39 5.80 10.83
N SER C 62 -6.63 6.33 9.63
CA SER C 62 -7.23 5.55 8.55
C SER C 62 -6.35 4.39 8.09
N GLY C 63 -6.78 3.17 8.39
CA GLY C 63 -6.02 2.01 7.97
C GLY C 63 -5.19 1.33 9.04
N VAL C 64 -5.13 1.94 10.23
CA VAL C 64 -4.36 1.34 11.31
C VAL C 64 -5.14 0.20 11.92
N PRO C 65 -4.49 -0.95 12.15
CA PRO C 65 -5.15 -2.11 12.75
C PRO C 65 -5.71 -1.91 14.17
N ASP C 66 -6.69 -2.75 14.52
CA ASP C 66 -7.34 -2.72 15.83
C ASP C 66 -6.38 -2.90 17.00
N ARG C 67 -5.39 -3.78 16.83
CA ARG C 67 -4.41 -4.09 17.87
C ARG C 67 -3.77 -2.88 18.53
N PHE C 68 -3.74 -1.76 17.81
CA PHE C 68 -3.14 -0.55 18.34
C PHE C 68 -4.18 0.25 19.10
N THR C 69 -3.90 0.55 20.36
CA THR C 69 -4.85 1.32 21.15
C THR C 69 -4.20 2.34 22.07
N GLY C 70 -4.64 3.57 21.93
CA GLY C 70 -4.12 4.65 22.74
C GLY C 70 -5.13 5.14 23.76
N SER C 71 -4.61 5.57 24.90
CA SER C 71 -5.47 6.04 25.97
C SER C 71 -4.75 7.04 26.84
N GLY C 72 -5.49 7.64 27.75
CA GLY C 72 -4.95 8.63 28.65
C GLY C 72 -5.64 9.95 28.47
N SER C 73 -5.38 10.86 29.40
CA SER C 73 -5.96 12.19 29.36
C SER C 73 -5.12 13.08 30.25
N GLY C 74 -5.09 14.37 29.92
CA GLY C 74 -4.31 15.29 30.71
C GLY C 74 -2.81 15.13 30.53
N THR C 75 -2.16 14.49 31.49
CA THR C 75 -0.72 14.34 31.42
C THR C 75 -0.24 12.91 31.24
N ASP C 76 -1.11 11.95 31.44
CA ASP C 76 -0.68 10.58 31.29
C ASP C 76 -1.41 9.87 30.16
N PHE C 77 -0.61 9.27 29.28
CA PHE C 77 -1.15 8.53 28.15
C PHE C 77 -0.32 7.25 27.94
N THR C 78 -0.89 6.28 27.22
CA THR C 78 -0.21 5.02 26.91
C THR C 78 -0.66 4.44 25.58
N LEU C 79 0.22 3.64 24.98
CA LEU C 79 -0.11 2.97 23.72
C LEU C 79 -0.04 1.48 23.98
N THR C 80 -0.94 0.75 23.35
CA THR C 80 -0.98 -0.68 23.52
C THR C 80 -1.20 -1.42 22.21
N ILE C 81 -0.50 -2.53 22.07
CA ILE C 81 -0.62 -3.39 20.90
C ILE C 81 -1.17 -4.71 21.46
N SER C 82 -2.39 -5.08 21.07
CA SER C 82 -3.02 -6.31 21.55
C SER C 82 -2.10 -7.52 21.40
N SER C 83 -1.85 -7.92 20.16
CA SER C 83 -0.98 -9.06 19.84
C SER C 83 0.14 -8.59 18.91
N VAL C 84 1.25 -8.16 19.51
CA VAL C 84 2.39 -7.67 18.74
C VAL C 84 2.81 -8.66 17.67
N GLN C 85 2.67 -8.25 16.41
CA GLN C 85 3.07 -9.08 15.29
C GLN C 85 4.54 -8.83 14.96
N ALA C 86 5.00 -9.34 13.82
CA ALA C 86 6.39 -9.16 13.41
C ALA C 86 6.58 -7.79 12.76
N GLU C 87 5.64 -7.43 11.89
CA GLU C 87 5.66 -6.15 11.19
C GLU C 87 5.59 -4.96 12.15
N ASP C 88 5.35 -5.21 13.42
CA ASP C 88 5.25 -4.13 14.39
C ASP C 88 6.61 -3.71 14.89
N LEU C 89 7.64 -4.40 14.42
CA LEU C 89 9.00 -4.09 14.81
C LEU C 89 9.24 -2.66 14.37
N ALA C 90 9.56 -1.80 15.32
CA ALA C 90 9.79 -0.39 15.02
C ALA C 90 10.04 0.42 16.28
N ILE C 91 10.17 1.73 16.10
CA ILE C 91 10.37 2.64 17.20
C ILE C 91 9.10 3.51 17.26
N TYR C 92 8.50 3.61 18.43
CA TYR C 92 7.28 4.37 18.61
C TYR C 92 7.51 5.68 19.33
N TYR C 93 6.89 6.75 18.79
CA TYR C 93 7.00 8.10 19.32
C TYR C 93 5.63 8.70 19.56
N CYS C 94 5.54 9.59 20.53
CA CYS C 94 4.31 10.29 20.81
C CYS C 94 4.66 11.76 20.56
N LYS C 95 3.70 12.50 20.01
CA LYS C 95 3.89 13.91 19.71
C LYS C 95 2.78 14.78 20.30
N GLN C 96 3.14 15.75 21.14
CA GLN C 96 2.10 16.60 21.70
C GLN C 96 1.89 17.81 20.79
N SER C 97 0.64 18.19 20.68
CA SER C 97 0.23 19.28 19.82
C SER C 97 -0.56 20.35 20.60
N TYR C 98 -0.26 20.52 21.89
CA TYR C 98 -0.95 21.53 22.68
C TYR C 98 -0.30 22.90 22.48
N ASP C 99 1.01 22.89 22.27
CA ASP C 99 1.77 24.12 22.04
C ASP C 99 3.13 23.76 21.43
N LEU C 100 3.39 24.25 20.23
CA LEU C 100 4.66 23.99 19.54
C LEU C 100 5.02 22.53 19.69
N PRO C 101 4.60 21.70 18.72
CA PRO C 101 4.87 20.26 18.72
C PRO C 101 6.21 19.84 19.32
N THR C 102 6.17 18.78 20.11
CA THR C 102 7.34 18.23 20.79
C THR C 102 7.23 16.71 20.71
N PHE C 103 8.34 16.03 20.50
CA PHE C 103 8.32 14.57 20.41
C PHE C 103 8.95 13.89 21.64
N GLY C 104 8.49 12.66 21.90
CA GLY C 104 9.02 11.90 23.01
C GLY C 104 10.34 11.31 22.55
N ALA C 105 11.15 10.81 23.49
CA ALA C 105 12.44 10.21 23.13
C ALA C 105 12.28 8.92 22.29
N GLY C 106 11.09 8.31 22.37
CA GLY C 106 10.79 7.10 21.62
C GLY C 106 10.89 5.77 22.34
N THR C 107 10.13 4.76 21.88
CA THR C 107 10.16 3.41 22.45
C THR C 107 10.50 2.38 21.35
N LYS C 108 11.63 1.68 21.51
CA LYS C 108 12.10 0.71 20.53
C LYS C 108 11.55 -0.70 20.76
N LEU C 109 10.55 -1.11 19.97
CA LEU C 109 9.97 -2.44 20.12
C LEU C 109 10.71 -3.47 19.28
N GLU C 110 11.37 -4.41 19.94
CA GLU C 110 12.12 -5.45 19.26
C GLU C 110 11.41 -6.77 19.41
N LEU C 111 11.60 -7.68 18.46
CA LEU C 111 10.93 -8.97 18.53
C LEU C 111 11.84 -10.16 18.91
N LYS C 112 11.32 -11.03 19.78
CA LYS C 112 12.05 -12.20 20.26
C LYS C 112 11.75 -13.45 19.47
N ARG C 113 12.77 -14.25 19.27
CA ARG C 113 12.61 -15.52 18.57
C ARG C 113 13.65 -16.45 19.08
N SER C 114 13.69 -17.63 18.50
CA SER C 114 14.65 -18.64 18.92
C SER C 114 16.02 -18.34 18.33
N ASP C 115 17.03 -18.93 18.93
CA ASP C 115 18.38 -18.76 18.47
C ASP C 115 18.49 -19.25 17.03
N ALA C 116 19.44 -18.67 16.31
CA ALA C 116 19.70 -19.02 14.93
C ALA C 116 21.18 -18.77 14.68
N ALA C 117 21.91 -19.77 14.17
CA ALA C 117 23.33 -19.58 13.89
C ALA C 117 23.42 -18.74 12.60
N PRO C 118 24.47 -17.92 12.47
CA PRO C 118 24.58 -17.09 11.26
C PRO C 118 25.18 -17.90 10.14
N THR C 119 25.02 -17.40 8.91
CA THR C 119 25.59 -18.05 7.74
C THR C 119 26.77 -17.15 7.45
N VAL C 120 27.98 -17.69 7.57
CA VAL C 120 29.19 -16.91 7.37
C VAL C 120 29.89 -16.99 6.00
N SER C 121 30.28 -15.83 5.50
CA SER C 121 30.99 -15.71 4.24
C SER C 121 32.16 -14.74 4.42
N ILE C 122 33.36 -15.18 4.07
CA ILE C 122 34.55 -14.33 4.18
C ILE C 122 35.02 -14.02 2.75
N PHE C 123 35.56 -12.83 2.55
CA PHE C 123 36.06 -12.47 1.24
C PHE C 123 37.43 -11.81 1.28
N PRO C 124 38.37 -12.33 0.50
CA PRO C 124 39.71 -11.74 0.49
C PRO C 124 39.65 -10.43 -0.30
N PRO C 125 40.59 -9.52 -0.08
CA PRO C 125 40.51 -8.27 -0.85
C PRO C 125 40.40 -8.50 -2.36
N SER C 126 39.74 -7.59 -3.05
CA SER C 126 39.60 -7.72 -4.50
C SER C 126 40.92 -7.32 -5.14
N SER C 127 41.17 -7.80 -6.34
CA SER C 127 42.41 -7.44 -6.99
C SER C 127 42.46 -5.92 -7.14
N GLU C 128 41.36 -5.31 -7.60
CA GLU C 128 41.35 -3.85 -7.78
C GLU C 128 41.64 -3.00 -6.55
N GLN C 129 41.31 -3.50 -5.36
CA GLN C 129 41.60 -2.71 -4.19
C GLN C 129 43.08 -2.82 -3.84
N LEU C 130 43.68 -3.98 -4.11
CA LEU C 130 45.10 -4.18 -3.82
C LEU C 130 45.90 -3.24 -4.70
N THR C 131 45.42 -3.04 -5.92
CA THR C 131 46.06 -2.15 -6.88
C THR C 131 46.27 -0.75 -6.33
N SER C 132 45.54 -0.38 -5.27
CA SER C 132 45.69 0.95 -4.68
C SER C 132 46.30 0.94 -3.26
N GLY C 133 46.89 -0.19 -2.87
CA GLY C 133 47.49 -0.28 -1.55
C GLY C 133 46.55 -0.79 -0.48
N GLY C 134 45.25 -0.71 -0.72
CA GLY C 134 44.31 -1.20 0.28
C GLY C 134 44.18 -2.73 0.28
N ALA C 135 43.61 -3.26 1.35
CA ALA C 135 43.42 -4.71 1.48
C ALA C 135 42.38 -4.99 2.57
N SER C 136 41.12 -5.11 2.16
CA SER C 136 40.04 -5.36 3.10
C SER C 136 39.55 -6.79 2.98
N VAL C 137 39.54 -7.47 4.11
CA VAL C 137 39.04 -8.84 4.19
C VAL C 137 37.67 -8.68 4.84
N VAL C 138 36.64 -9.03 4.08
CA VAL C 138 35.27 -8.91 4.54
C VAL C 138 34.65 -10.22 4.96
N CYS C 139 33.79 -10.13 5.95
CA CYS C 139 33.13 -11.31 6.44
C CYS C 139 31.68 -10.98 6.79
N PHE C 140 30.76 -11.73 6.19
CA PHE C 140 29.33 -11.56 6.44
C PHE C 140 28.80 -12.66 7.37
N LEU C 141 28.01 -12.25 8.36
CA LEU C 141 27.36 -13.14 9.31
C LEU C 141 25.90 -12.80 9.14
N ASN C 142 25.19 -13.60 8.35
CA ASN C 142 23.79 -13.28 8.11
C ASN C 142 22.73 -14.10 8.80
N ASN C 143 21.56 -13.48 8.90
CA ASN C 143 20.36 -14.06 9.49
C ASN C 143 20.62 -14.88 10.73
N PHE C 144 20.95 -14.19 11.81
CA PHE C 144 21.22 -14.86 13.06
C PHE C 144 20.44 -14.20 14.19
N TYR C 145 20.52 -14.84 15.36
CA TYR C 145 19.86 -14.37 16.57
C TYR C 145 20.42 -15.18 17.75
N PRO C 146 20.59 -14.57 18.92
CA PRO C 146 20.31 -13.16 19.28
C PRO C 146 21.15 -12.14 18.52
N LYS C 147 20.92 -10.87 18.79
CA LYS C 147 21.69 -9.82 18.11
C LYS C 147 23.13 -9.80 18.63
N ASP C 148 23.31 -10.10 19.91
CA ASP C 148 24.62 -10.09 20.55
C ASP C 148 25.53 -11.24 20.12
N ILE C 149 26.28 -11.04 19.05
CA ILE C 149 27.20 -12.06 18.59
C ILE C 149 28.65 -11.56 18.66
N ASN C 150 29.58 -12.48 18.44
CA ASN C 150 31.00 -12.16 18.48
C ASN C 150 31.78 -12.62 17.25
N VAL C 151 32.75 -11.83 16.83
CA VAL C 151 33.56 -12.16 15.67
C VAL C 151 35.06 -12.05 15.98
N LYS C 152 35.82 -13.06 15.55
CA LYS C 152 37.27 -13.09 15.76
C LYS C 152 38.02 -13.33 14.46
N TRP C 153 39.09 -12.58 14.25
CA TRP C 153 39.90 -12.73 13.03
C TRP C 153 41.26 -13.36 13.34
N LYS C 154 41.52 -14.51 12.73
CA LYS C 154 42.78 -15.22 12.91
C LYS C 154 43.65 -15.08 11.66
N ILE C 155 44.78 -14.40 11.79
CA ILE C 155 45.69 -14.24 10.68
C ILE C 155 46.90 -15.12 10.96
N ASP C 156 47.13 -16.14 10.14
CA ASP C 156 48.24 -17.04 10.36
C ASP C 156 48.11 -17.62 11.77
N GLY C 157 46.87 -17.80 12.21
CA GLY C 157 46.64 -18.35 13.52
C GLY C 157 46.59 -17.36 14.68
N SER C 158 47.34 -16.27 14.57
CA SER C 158 47.37 -15.24 15.61
C SER C 158 46.16 -14.33 15.52
N GLU C 159 45.35 -14.32 16.57
CA GLU C 159 44.17 -13.46 16.61
C GLU C 159 44.60 -12.01 16.42
N ARG C 160 43.97 -11.31 15.48
CA ARG C 160 44.29 -9.91 15.25
C ARG C 160 43.14 -9.13 15.88
N GLN C 161 43.45 -7.97 16.46
CA GLN C 161 42.43 -7.16 17.10
C GLN C 161 42.44 -5.71 16.61
N ASN C 162 43.43 -5.35 15.80
CA ASN C 162 43.55 -4.00 15.28
C ASN C 162 43.17 -3.87 13.81
N GLY C 163 42.33 -2.87 13.53
CA GLY C 163 41.90 -2.64 12.17
C GLY C 163 40.64 -3.36 11.77
N VAL C 164 39.71 -3.50 12.70
CA VAL C 164 38.48 -4.18 12.38
C VAL C 164 37.30 -3.29 12.64
N LEU C 165 36.31 -3.37 11.75
CA LEU C 165 35.09 -2.58 11.87
C LEU C 165 33.88 -3.48 11.67
N ASN C 166 32.94 -3.40 12.61
CA ASN C 166 31.75 -4.22 12.54
C ASN C 166 30.52 -3.36 12.36
N SER C 167 29.46 -3.94 11.81
CA SER C 167 28.23 -3.20 11.58
C SER C 167 27.03 -4.15 11.56
N TRP C 168 26.02 -3.82 12.36
CA TRP C 168 24.80 -4.63 12.47
C TRP C 168 23.62 -4.01 11.76
N THR C 169 22.82 -4.86 11.11
CA THR C 169 21.62 -4.40 10.43
C THR C 169 20.62 -4.18 11.56
N ASP C 170 19.48 -3.58 11.22
CA ASP C 170 18.44 -3.41 12.21
C ASP C 170 17.83 -4.81 12.24
N GLN C 171 16.84 -5.05 13.09
CA GLN C 171 16.22 -6.38 13.13
C GLN C 171 15.29 -6.55 11.94
N ASP C 172 15.39 -7.69 11.26
CA ASP C 172 14.56 -7.95 10.11
C ASP C 172 13.10 -8.03 10.58
N SER C 173 12.19 -7.39 9.86
CA SER C 173 10.78 -7.41 10.26
C SER C 173 10.01 -8.61 9.65
N LYS C 174 10.73 -9.63 9.21
CA LYS C 174 10.16 -10.83 8.60
C LYS C 174 10.55 -12.08 9.37
N ASP C 175 11.83 -12.22 9.68
CA ASP C 175 12.31 -13.39 10.42
C ASP C 175 12.89 -13.05 11.80
N SER C 176 12.81 -11.79 12.20
CA SER C 176 13.32 -11.36 13.49
C SER C 176 14.82 -11.63 13.74
N THR C 177 15.62 -11.73 12.67
CA THR C 177 17.06 -11.95 12.83
C THR C 177 17.81 -10.67 12.53
N TYR C 178 19.10 -10.72 12.80
CA TYR C 178 19.98 -9.60 12.55
C TYR C 178 21.03 -10.14 11.58
N SER C 179 21.80 -9.25 10.97
CA SER C 179 22.89 -9.64 10.09
C SER C 179 23.97 -8.62 10.37
N MET C 180 25.22 -8.92 10.03
CA MET C 180 26.30 -7.97 10.28
C MET C 180 27.52 -8.28 9.43
N SER C 181 28.28 -7.24 9.11
CA SER C 181 29.50 -7.41 8.31
C SER C 181 30.73 -7.09 9.15
N SER C 182 31.77 -7.88 8.95
CA SER C 182 33.00 -7.69 9.68
C SER C 182 34.12 -7.45 8.68
N THR C 183 34.72 -6.27 8.73
CA THR C 183 35.80 -5.92 7.83
C THR C 183 37.14 -5.75 8.54
N LEU C 184 38.16 -6.44 8.04
CA LEU C 184 39.51 -6.37 8.60
C LEU C 184 40.36 -5.57 7.64
N THR C 185 40.48 -4.27 7.91
CA THR C 185 41.24 -3.40 7.03
C THR C 185 42.73 -3.41 7.34
N LEU C 186 43.52 -3.86 6.37
CA LEU C 186 44.97 -3.91 6.53
C LEU C 186 45.56 -3.20 5.33
N THR C 187 46.89 -3.14 5.27
CA THR C 187 47.56 -2.51 4.15
C THR C 187 47.93 -3.63 3.19
N LYS C 188 48.06 -3.31 1.90
CA LYS C 188 48.43 -4.32 0.90
C LYS C 188 49.77 -4.87 1.29
N ASP C 189 50.49 -4.08 2.09
CA ASP C 189 51.81 -4.43 2.59
C ASP C 189 51.74 -5.51 3.67
N GLU C 190 51.06 -5.20 4.78
CA GLU C 190 50.91 -6.16 5.87
C GLU C 190 50.17 -7.39 5.35
N TYR C 191 49.13 -7.18 4.55
CA TYR C 191 48.35 -8.28 4.00
C TYR C 191 49.18 -9.35 3.31
N GLU C 192 50.08 -8.93 2.43
CA GLU C 192 50.89 -9.90 1.70
C GLU C 192 52.01 -10.55 2.54
N ARG C 193 52.10 -10.20 3.81
CA ARG C 193 53.13 -10.81 4.65
C ARG C 193 52.65 -12.12 5.28
N HIS C 194 51.35 -12.20 5.54
CA HIS C 194 50.74 -13.37 6.15
C HIS C 194 50.05 -14.22 5.08
N ASN C 195 49.69 -15.46 5.42
CA ASN C 195 49.06 -16.33 4.45
C ASN C 195 47.65 -16.82 4.82
N SER C 196 47.44 -17.15 6.08
CA SER C 196 46.13 -17.63 6.51
C SER C 196 45.26 -16.55 7.12
N TYR C 197 44.01 -16.46 6.65
CA TYR C 197 43.03 -15.48 7.12
C TYR C 197 41.71 -16.18 7.48
N THR C 198 41.31 -16.09 8.74
CA THR C 198 40.08 -16.75 9.18
C THR C 198 39.11 -15.86 9.94
N CYS C 199 37.84 -16.15 9.74
CA CYS C 199 36.75 -15.43 10.37
C CYS C 199 35.97 -16.42 11.25
N GLU C 200 35.88 -16.10 12.55
CA GLU C 200 35.17 -16.95 13.50
C GLU C 200 33.95 -16.28 14.10
N ALA C 201 32.81 -16.97 14.05
CA ALA C 201 31.57 -16.44 14.59
C ALA C 201 31.03 -17.33 15.68
N THR C 202 30.98 -16.82 16.91
CA THR C 202 30.49 -17.58 18.08
C THR C 202 29.46 -16.79 18.91
N HIS C 203 28.34 -17.44 19.28
CA HIS C 203 27.31 -16.77 20.07
C HIS C 203 26.44 -17.74 20.87
N LYS C 204 25.29 -17.24 21.31
CA LYS C 204 24.33 -18.01 22.08
C LYS C 204 23.82 -19.30 21.40
N THR C 205 23.97 -19.38 20.06
CA THR C 205 23.50 -20.54 19.28
C THR C 205 24.38 -21.81 19.24
N SER C 206 25.70 -21.65 19.30
CA SER C 206 26.62 -22.79 19.27
C SER C 206 27.84 -22.58 20.19
N THR C 207 28.28 -23.64 20.86
CA THR C 207 29.46 -23.53 21.72
C THR C 207 30.66 -23.47 20.79
N SER C 208 30.67 -24.36 19.79
CA SER C 208 31.73 -24.39 18.79
C SER C 208 31.34 -23.40 17.70
N PRO C 209 32.17 -22.36 17.51
CA PRO C 209 31.93 -21.30 16.53
C PRO C 209 32.02 -21.71 15.06
N ILE C 210 31.29 -20.96 14.22
CA ILE C 210 31.26 -21.15 12.77
C ILE C 210 32.55 -20.52 12.25
N VAL C 211 33.35 -21.30 11.54
CA VAL C 211 34.61 -20.81 11.03
C VAL C 211 34.64 -20.80 9.52
N LYS C 212 35.22 -19.73 8.99
CA LYS C 212 35.35 -19.55 7.57
C LYS C 212 36.74 -18.97 7.39
N SER C 213 37.46 -19.43 6.37
CA SER C 213 38.81 -18.96 6.16
C SER C 213 39.28 -19.24 4.75
N PHE C 214 40.48 -18.76 4.44
CA PHE C 214 41.11 -18.96 3.14
C PHE C 214 42.60 -18.66 3.28
N ASN C 215 43.39 -19.12 2.33
CA ASN C 215 44.83 -18.90 2.33
C ASN C 215 45.13 -18.24 1.00
N ARG C 216 45.65 -17.01 1.04
CA ARG C 216 45.95 -16.32 -0.20
C ARG C 216 46.94 -17.08 -1.08
N ASN C 217 47.57 -18.09 -0.51
CA ASN C 217 48.52 -18.89 -1.27
C ASN C 217 47.76 -20.04 -1.91
N GLU D 1 -3.17 11.77 -5.91
CA GLU D 1 -2.56 11.17 -4.67
C GLU D 1 -1.46 12.06 -4.08
N VAL D 2 -1.32 12.01 -2.75
CA VAL D 2 -0.33 12.81 -2.04
C VAL D 2 1.09 12.34 -2.31
N MET D 3 2.01 13.28 -2.41
CA MET D 3 3.40 12.95 -2.67
C MET D 3 4.28 14.14 -2.26
N LEU D 4 5.21 13.89 -1.36
CA LEU D 4 6.14 14.92 -0.88
C LEU D 4 7.57 14.47 -1.05
N VAL D 5 8.36 15.23 -1.80
CA VAL D 5 9.75 14.87 -2.02
C VAL D 5 10.69 16.03 -1.68
N GLU D 6 11.55 15.83 -0.69
CA GLU D 6 12.47 16.89 -0.33
C GLU D 6 13.79 16.81 -1.06
N SER D 7 14.26 17.97 -1.48
CA SER D 7 15.49 18.13 -2.22
C SER D 7 16.41 19.13 -1.50
N GLY D 8 17.61 18.67 -1.15
CA GLY D 8 18.54 19.54 -0.45
C GLY D 8 19.98 19.27 -0.87
N PRO D 9 20.96 20.04 -0.34
CA PRO D 9 22.40 19.97 -0.60
C PRO D 9 23.17 18.68 -0.27
N GLY D 10 22.98 18.15 0.93
CA GLY D 10 23.70 16.94 1.29
C GLY D 10 24.85 17.28 2.20
N LEU D 11 25.70 18.20 1.75
CA LEU D 11 26.84 18.67 2.54
C LEU D 11 26.90 20.16 2.45
N VAL D 12 26.91 20.79 3.61
CA VAL D 12 26.96 22.24 3.70
C VAL D 12 27.93 22.56 4.81
N ALA D 13 28.77 23.57 4.59
CA ALA D 13 29.76 23.99 5.57
C ALA D 13 29.18 24.85 6.70
N PRO D 14 29.76 24.75 7.91
CA PRO D 14 29.28 25.52 9.05
C PRO D 14 29.24 27.01 8.66
N SER D 15 28.32 27.77 9.26
CA SER D 15 28.24 29.17 8.90
C SER D 15 28.18 29.28 7.38
N GLN D 16 27.04 28.84 6.86
CA GLN D 16 26.69 28.85 5.44
C GLN D 16 25.20 28.70 5.53
N SER D 17 24.47 28.97 4.45
CA SER D 17 23.03 28.81 4.53
C SER D 17 22.63 27.43 4.05
N LEU D 18 21.47 26.98 4.48
CA LEU D 18 20.94 25.68 4.12
C LEU D 18 19.55 25.87 3.54
N SER D 19 19.32 25.35 2.35
CA SER D 19 18.01 25.48 1.77
C SER D 19 17.53 24.14 1.26
N ILE D 20 16.37 23.71 1.74
CA ILE D 20 15.78 22.44 1.33
C ILE D 20 14.41 22.71 0.72
N THR D 21 14.15 22.04 -0.40
CA THR D 21 12.89 22.19 -1.09
C THR D 21 11.98 20.98 -0.97
N CYS D 22 10.72 21.22 -0.67
CA CYS D 22 9.73 20.15 -0.55
C CYS D 22 8.70 20.35 -1.64
N THR D 23 8.76 19.52 -2.66
CA THR D 23 7.84 19.59 -3.77
C THR D 23 6.64 18.70 -3.45
N VAL D 24 5.44 19.23 -3.55
CA VAL D 24 4.29 18.41 -3.24
C VAL D 24 3.43 18.15 -4.47
N SER D 25 2.66 17.08 -4.45
CA SER D 25 1.78 16.75 -5.56
C SER D 25 0.54 16.08 -5.05
N GLY D 26 -0.57 16.35 -5.71
CA GLY D 26 -1.82 15.75 -5.31
C GLY D 26 -2.64 16.57 -4.35
N PHE D 27 -2.19 17.80 -4.07
CA PHE D 27 -2.91 18.70 -3.16
C PHE D 27 -2.43 20.14 -3.20
N SER D 28 -3.28 21.03 -2.69
CA SER D 28 -2.98 22.45 -2.67
C SER D 28 -2.37 22.86 -1.33
N LEU D 29 -1.29 23.61 -1.40
CA LEU D 29 -0.63 24.09 -0.20
C LEU D 29 -1.47 25.13 0.52
N SER D 30 -2.51 25.62 -0.15
CA SER D 30 -3.37 26.62 0.46
C SER D 30 -4.47 25.98 1.30
N ASP D 31 -4.71 24.68 1.12
CA ASP D 31 -5.73 23.97 1.87
C ASP D 31 -5.14 23.18 3.05
N TYR D 32 -3.89 22.74 2.92
CA TYR D 32 -3.22 21.98 3.99
C TYR D 32 -1.96 22.69 4.49
N GLY D 33 -1.52 22.34 5.69
CA GLY D 33 -0.32 22.93 6.25
C GLY D 33 0.86 22.00 6.04
N VAL D 34 2.07 22.54 6.03
CA VAL D 34 3.26 21.70 5.82
C VAL D 34 4.35 22.02 6.85
N SER D 35 4.69 20.99 7.62
CA SER D 35 5.66 21.11 8.70
C SER D 35 7.00 20.51 8.33
N TRP D 36 8.01 20.83 9.13
CA TRP D 36 9.33 20.30 8.90
C TRP D 36 9.80 19.68 10.19
N ILE D 37 10.24 18.44 10.08
CA ILE D 37 10.72 17.66 11.21
C ILE D 37 12.09 17.14 10.84
N ARG D 38 13.00 17.05 11.80
CA ARG D 38 14.33 16.54 11.50
C ARG D 38 14.68 15.45 12.46
N GLN D 39 15.71 14.69 12.14
CA GLN D 39 16.10 13.61 13.02
C GLN D 39 17.58 13.35 12.92
N PRO D 40 18.35 13.80 13.91
CA PRO D 40 19.81 13.61 13.93
C PRO D 40 20.17 12.14 13.77
N PRO D 41 21.39 11.85 13.28
CA PRO D 41 21.79 10.45 13.11
C PRO D 41 21.59 9.65 14.39
N GLY D 42 20.74 8.63 14.35
CA GLY D 42 20.45 7.79 15.50
C GLY D 42 19.74 8.50 16.65
N LYS D 43 18.78 9.42 16.38
CA LYS D 43 18.12 10.26 17.50
C LYS D 43 16.73 10.37 17.26
N GLY D 44 16.14 11.09 18.18
CA GLY D 44 14.74 11.22 18.08
C GLY D 44 14.27 12.34 17.19
N LEU D 45 12.97 12.41 16.90
CA LEU D 45 12.40 13.43 16.02
C LEU D 45 12.32 14.81 16.69
N GLU D 46 12.57 15.88 15.92
CA GLU D 46 12.47 17.24 16.45
C GLU D 46 11.68 18.08 15.46
N TRP D 47 10.55 18.60 15.93
CA TRP D 47 9.69 19.43 15.10
C TRP D 47 10.39 20.76 14.93
N LEU D 48 10.49 21.22 13.69
CA LEU D 48 11.16 22.47 13.36
C LEU D 48 10.20 23.66 13.16
N GLY D 49 9.17 23.47 12.35
CA GLY D 49 8.23 24.55 12.15
C GLY D 49 7.11 24.15 11.20
N VAL D 50 6.23 25.08 10.88
CA VAL D 50 5.12 24.80 9.99
C VAL D 50 4.66 26.03 9.22
N ILE D 51 4.20 25.81 7.99
CA ILE D 51 3.67 26.87 7.16
C ILE D 51 2.21 26.46 6.93
N TRP D 52 1.28 27.22 7.51
CA TRP D 52 -0.15 26.91 7.37
C TRP D 52 -0.79 27.39 6.08
N GLY D 53 -2.06 27.02 5.92
CA GLY D 53 -2.80 27.43 4.75
C GLY D 53 -2.92 28.94 4.69
N ASP D 54 -3.43 29.58 5.75
CA ASP D 54 -3.57 31.04 5.68
C ASP D 54 -2.22 31.66 5.40
N GLY D 55 -1.16 30.86 5.49
CA GLY D 55 0.19 31.34 5.23
C GLY D 55 1.02 31.56 6.50
N SER D 56 0.36 31.48 7.66
CA SER D 56 1.03 31.69 8.94
C SER D 56 2.09 30.66 9.20
N THR D 57 3.17 31.13 9.81
CA THR D 57 4.32 30.30 10.11
C THR D 57 4.62 30.24 11.59
N TYR D 58 5.03 29.07 12.06
CA TYR D 58 5.38 28.87 13.47
C TYR D 58 6.63 28.02 13.54
N TYR D 59 7.54 28.41 14.41
CA TYR D 59 8.81 27.72 14.55
C TYR D 59 9.13 27.24 15.96
N ALA D 60 10.04 26.27 16.03
CA ALA D 60 10.47 25.72 17.29
C ALA D 60 11.34 26.75 18.01
N SER D 61 11.05 27.00 19.28
CA SER D 61 11.80 27.98 20.05
C SER D 61 13.31 27.78 20.02
N ALA D 62 13.75 26.53 19.94
CA ALA D 62 15.18 26.23 19.92
C ALA D 62 15.93 27.01 18.86
N LEU D 63 15.50 26.89 17.61
CA LEU D 63 16.14 27.60 16.50
C LEU D 63 15.29 28.80 16.18
N LYS D 64 15.23 29.70 17.15
CA LYS D 64 14.45 30.92 17.08
C LYS D 64 14.48 31.69 15.76
N PHE D 65 15.55 32.44 15.52
CA PHE D 65 15.64 33.26 14.32
C PHE D 65 16.57 32.65 13.27
N ARG D 66 16.94 31.39 13.45
CA ARG D 66 17.84 30.74 12.50
C ARG D 66 17.12 29.99 11.39
N LEU D 67 15.84 29.76 11.57
CA LEU D 67 15.10 29.01 10.58
C LEU D 67 13.88 29.75 10.07
N THR D 68 13.62 29.60 8.78
CA THR D 68 12.46 30.23 8.15
C THR D 68 11.83 29.31 7.12
N ILE D 69 10.51 29.34 7.07
CA ILE D 69 9.81 28.50 6.12
C ILE D 69 8.91 29.35 5.23
N SER D 70 8.94 29.06 3.92
CA SER D 70 8.15 29.77 2.92
C SER D 70 7.67 28.82 1.82
N LYS D 71 6.77 29.30 0.97
CA LYS D 71 6.24 28.47 -0.11
C LYS D 71 5.80 29.24 -1.36
N ASP D 72 5.76 28.54 -2.50
CA ASP D 72 5.32 29.13 -3.76
C ASP D 72 4.24 28.21 -4.31
N SER D 73 2.99 28.58 -4.13
CA SER D 73 1.90 27.76 -4.62
C SER D 73 2.00 27.48 -6.11
N SER D 74 2.51 28.44 -6.88
CA SER D 74 2.64 28.25 -8.32
C SER D 74 3.61 27.12 -8.58
N LYS D 75 4.76 27.17 -7.96
CA LYS D 75 5.76 26.12 -8.15
C LYS D 75 5.39 24.89 -7.32
N SER D 76 4.37 25.01 -6.48
CA SER D 76 3.94 23.89 -5.64
C SER D 76 5.10 23.35 -4.78
N GLN D 77 5.83 24.27 -4.14
CA GLN D 77 6.98 23.94 -3.31
C GLN D 77 7.00 24.70 -1.98
N VAL D 78 7.64 24.09 -0.99
CA VAL D 78 7.78 24.70 0.32
C VAL D 78 9.27 24.69 0.57
N PHE D 79 9.78 25.77 1.16
CA PHE D 79 11.22 25.87 1.41
C PHE D 79 11.63 26.02 2.87
N LEU D 80 12.67 25.29 3.23
CA LEU D 80 13.20 25.38 4.59
C LEU D 80 14.55 26.05 4.42
N ASN D 81 14.76 27.15 5.15
CA ASN D 81 16.00 27.92 5.08
C ASN D 81 16.62 28.09 6.46
N MET D 82 17.90 27.75 6.59
CA MET D 82 18.58 27.88 7.87
C MET D 82 19.94 28.55 7.72
N HIS D 83 20.24 29.51 8.58
CA HIS D 83 21.54 30.15 8.53
C HIS D 83 22.18 29.99 9.92
N SER D 84 23.43 30.41 10.07
CA SER D 84 24.12 30.26 11.34
C SER D 84 24.09 28.77 11.64
N LEU D 85 24.57 27.95 10.71
CA LEU D 85 24.56 26.50 10.89
C LEU D 85 25.57 25.94 11.90
N GLN D 86 25.15 24.87 12.58
CA GLN D 86 25.96 24.20 13.61
C GLN D 86 26.03 22.75 13.18
N THR D 87 27.08 22.03 13.59
CA THR D 87 27.17 20.63 13.19
C THR D 87 25.97 19.84 13.74
N ASP D 88 25.35 20.36 14.79
CA ASP D 88 24.19 19.70 15.38
C ASP D 88 23.00 19.71 14.45
N ASP D 89 23.10 20.49 13.37
CA ASP D 89 22.00 20.56 12.45
C ASP D 89 22.06 19.38 11.50
N SER D 90 23.18 18.66 11.52
CA SER D 90 23.33 17.48 10.68
C SER D 90 22.19 16.53 11.02
N ALA D 91 21.37 16.21 10.02
CA ALA D 91 20.23 15.31 10.25
C ALA D 91 19.44 14.95 8.99
N MET D 92 18.46 14.08 9.15
CA MET D 92 17.57 13.70 8.06
C MET D 92 16.43 14.71 8.18
N TYR D 93 16.10 15.37 7.08
CA TYR D 93 15.04 16.37 7.14
C TYR D 93 13.80 15.91 6.41
N TYR D 94 12.65 16.00 7.08
CA TYR D 94 11.38 15.58 6.48
C TYR D 94 10.36 16.69 6.45
N CYS D 95 9.50 16.66 5.43
CA CYS D 95 8.40 17.61 5.33
C CYS D 95 7.15 16.75 5.36
N ALA D 96 6.12 17.24 6.02
CA ALA D 96 4.88 16.48 6.16
C ALA D 96 3.61 17.28 5.95
N LYS D 97 2.67 16.67 5.25
CA LYS D 97 1.38 17.27 4.98
C LYS D 97 0.52 17.07 6.25
N HIS D 98 0.10 18.17 6.87
CA HIS D 98 -0.69 18.08 8.10
C HIS D 98 -2.03 18.81 7.96
N THR D 99 -2.88 18.63 8.96
CA THR D 99 -4.20 19.26 9.03
C THR D 99 -4.31 19.77 10.46
N TYR D 100 -5.31 20.61 10.72
CA TYR D 100 -5.54 21.16 12.06
C TYR D 100 -5.41 19.98 13.03
N GLY D 101 -6.36 19.05 12.91
CA GLY D 101 -6.37 17.87 13.72
C GLY D 101 -7.14 16.84 12.92
N GLY D 102 -6.50 15.72 12.60
CA GLY D 102 -7.23 14.74 11.84
C GLY D 102 -6.40 13.96 10.86
N PRO D 103 -7.07 13.24 9.94
CA PRO D 103 -6.52 12.39 8.88
C PRO D 103 -5.71 13.18 7.86
N GLY D 104 -4.75 12.51 7.25
CA GLY D 104 -3.92 13.15 6.24
C GLY D 104 -2.44 13.06 6.47
N ASP D 105 -2.01 13.42 7.68
CA ASP D 105 -0.59 13.43 8.06
C ASP D 105 0.28 12.41 7.29
N SER D 106 0.91 12.86 6.21
CA SER D 106 1.78 12.00 5.40
C SER D 106 3.14 12.66 5.18
N TRP D 107 4.20 11.94 5.56
CA TRP D 107 5.59 12.41 5.47
C TRP D 107 6.31 12.07 4.17
N GLY D 108 7.35 12.84 3.87
CA GLY D 108 8.13 12.60 2.67
C GLY D 108 9.26 11.68 3.03
N GLN D 109 9.99 11.19 2.02
CA GLN D 109 11.09 10.26 2.24
C GLN D 109 12.23 10.88 3.08
N GLY D 110 12.27 12.22 3.14
CA GLY D 110 13.30 12.89 3.91
C GLY D 110 14.60 13.03 3.15
N THR D 111 15.47 13.93 3.60
CA THR D 111 16.76 14.11 2.95
C THR D 111 17.82 14.33 3.97
N SER D 112 18.97 13.71 3.75
CA SER D 112 20.08 13.81 4.67
C SER D 112 20.94 15.02 4.39
N VAL D 113 21.25 15.76 5.44
CA VAL D 113 22.08 16.95 5.33
C VAL D 113 23.19 16.92 6.40
N THR D 114 24.43 16.98 5.97
CA THR D 114 25.56 16.97 6.90
C THR D 114 26.24 18.35 6.96
N VAL D 115 26.38 18.87 8.18
CA VAL D 115 27.04 20.16 8.40
C VAL D 115 28.47 19.78 8.82
N SER D 116 29.45 20.10 7.95
CA SER D 116 30.84 19.78 8.23
C SER D 116 31.83 20.55 7.38
N SER D 117 33.05 20.60 7.87
CA SER D 117 34.11 21.29 7.16
C SER D 117 34.79 20.26 6.27
N ALA D 118 34.63 18.98 6.62
CA ALA D 118 35.23 17.89 5.86
C ALA D 118 34.94 18.05 4.37
N SER D 119 35.81 17.46 3.54
CA SER D 119 35.68 17.55 2.09
C SER D 119 34.98 16.34 1.49
N THR D 120 33.95 16.59 0.71
CA THR D 120 33.21 15.52 0.08
C THR D 120 34.14 14.74 -0.85
N THR D 121 34.29 13.44 -0.61
CA THR D 121 35.12 12.60 -1.46
C THR D 121 34.25 11.43 -1.95
N PRO D 122 34.38 11.06 -3.23
CA PRO D 122 33.57 9.97 -3.78
C PRO D 122 33.98 8.62 -3.25
N PRO D 123 33.12 7.62 -3.43
CA PRO D 123 33.44 6.29 -2.94
C PRO D 123 34.25 5.49 -3.93
N SER D 124 34.88 4.45 -3.40
CA SER D 124 35.68 3.49 -4.16
C SER D 124 34.85 2.24 -4.01
N VAL D 125 34.40 1.65 -5.12
CA VAL D 125 33.57 0.46 -5.02
C VAL D 125 34.38 -0.79 -5.38
N PHE D 126 34.37 -1.77 -4.49
CA PHE D 126 35.10 -3.02 -4.74
C PHE D 126 34.14 -4.22 -4.68
N PRO D 127 34.20 -5.10 -5.69
CA PRO D 127 33.38 -6.30 -5.82
C PRO D 127 33.90 -7.45 -4.97
N LEU D 128 33.00 -8.10 -4.25
CA LEU D 128 33.37 -9.23 -3.41
C LEU D 128 32.83 -10.51 -4.06
N ALA D 129 33.73 -11.29 -4.68
CA ALA D 129 33.39 -12.54 -5.38
C ALA D 129 33.80 -13.70 -4.49
N PRO D 130 33.17 -14.86 -4.69
CA PRO D 130 33.50 -16.03 -3.79
C PRO D 130 35.02 -16.47 -3.91
N GLY D 131 35.30 -17.61 -3.24
CA GLY D 131 36.75 -18.20 -3.15
C GLY D 131 37.14 -19.08 -4.29
N SER D 132 36.32 -19.25 -5.38
CA SER D 132 36.69 -20.18 -6.49
C SER D 132 36.58 -21.62 -5.85
N ALA D 133 37.73 -22.14 -5.41
CA ALA D 133 37.78 -23.49 -4.82
C ALA D 133 37.80 -23.64 -3.25
N ALA D 134 36.99 -22.83 -2.55
CA ALA D 134 36.95 -22.88 -1.09
C ALA D 134 35.58 -23.37 -0.57
N GLN D 135 34.52 -23.11 -1.36
CA GLN D 135 33.18 -23.52 -0.95
C GLN D 135 32.15 -23.52 -2.07
N THR D 136 31.60 -24.70 -2.37
CA THR D 136 30.51 -24.88 -3.36
C THR D 136 29.25 -25.17 -2.51
N ASN D 137 28.06 -24.80 -3.01
CA ASN D 137 26.84 -24.97 -2.26
C ASN D 137 25.61 -24.58 -3.19
N SER D 138 24.41 -24.71 -2.67
CA SER D 138 23.21 -24.39 -3.49
C SER D 138 22.94 -22.90 -3.64
N MET D 139 23.30 -22.14 -2.60
CA MET D 139 23.13 -20.69 -2.62
C MET D 139 24.53 -20.10 -2.52
N VAL D 140 24.68 -18.86 -2.99
CA VAL D 140 25.97 -18.18 -2.93
C VAL D 140 25.78 -16.70 -2.63
N THR D 141 26.71 -16.16 -1.82
CA THR D 141 26.66 -14.76 -1.42
C THR D 141 27.71 -13.93 -2.14
N LEU D 142 27.25 -12.80 -2.69
CA LEU D 142 28.09 -11.88 -3.42
C LEU D 142 28.14 -10.63 -2.61
N GLY D 143 29.16 -9.82 -2.82
CA GLY D 143 29.28 -8.59 -2.07
C GLY D 143 29.66 -7.39 -2.88
N CYS D 144 29.68 -6.27 -2.18
CA CYS D 144 29.99 -4.99 -2.76
C CYS D 144 30.50 -4.18 -1.56
N LEU D 145 31.74 -3.71 -1.64
CA LEU D 145 32.32 -2.90 -0.58
C LEU D 145 32.41 -1.45 -1.11
N VAL D 146 31.85 -0.51 -0.35
CA VAL D 146 31.85 0.88 -0.74
C VAL D 146 32.63 1.61 0.33
N LYS D 147 33.83 2.07 0.00
CA LYS D 147 34.66 2.71 1.02
C LYS D 147 35.37 4.06 0.76
N GLY D 148 35.66 4.74 1.86
CA GLY D 148 36.37 6.01 1.80
C GLY D 148 35.62 7.15 1.18
N TYR D 149 34.34 7.31 1.51
CA TYR D 149 33.55 8.40 0.96
C TYR D 149 33.00 9.33 2.04
N PHE D 150 32.61 10.53 1.64
CA PHE D 150 32.04 11.50 2.55
C PHE D 150 31.31 12.55 1.71
N PRO D 151 30.10 12.99 2.14
CA PRO D 151 29.41 12.55 3.36
C PRO D 151 28.43 11.40 3.09
N GLU D 152 27.58 11.15 4.08
CA GLU D 152 26.54 10.13 3.92
C GLU D 152 25.44 10.88 3.19
N PRO D 153 24.53 10.16 2.53
CA PRO D 153 24.54 8.71 2.46
C PRO D 153 25.10 8.22 1.12
N VAL D 154 24.75 6.97 0.83
CA VAL D 154 25.14 6.33 -0.41
C VAL D 154 24.02 5.33 -0.66
N THR D 155 23.76 5.05 -1.93
CA THR D 155 22.71 4.13 -2.28
C THR D 155 23.30 2.92 -2.97
N VAL D 156 22.80 1.75 -2.58
CA VAL D 156 23.27 0.51 -3.17
C VAL D 156 22.09 -0.32 -3.63
N THR D 157 22.11 -0.70 -4.90
CA THR D 157 21.06 -1.54 -5.47
C THR D 157 21.77 -2.61 -6.29
N TRP D 158 21.13 -3.77 -6.44
CA TRP D 158 21.70 -4.84 -7.23
C TRP D 158 20.90 -4.98 -8.53
N ASN D 159 21.61 -5.05 -9.65
CA ASN D 159 21.01 -5.14 -10.97
C ASN D 159 19.97 -4.06 -11.13
N SER D 160 20.39 -2.84 -10.79
CA SER D 160 19.57 -1.66 -10.88
C SER D 160 18.23 -1.76 -10.17
N GLY D 161 18.18 -2.49 -9.06
CA GLY D 161 16.93 -2.62 -8.34
C GLY D 161 16.09 -3.81 -8.78
N SER D 162 16.54 -4.50 -9.82
CA SER D 162 15.86 -5.67 -10.35
C SER D 162 16.03 -6.85 -9.37
N LEU D 163 17.10 -6.83 -8.58
CA LEU D 163 17.40 -7.87 -7.63
C LEU D 163 17.30 -7.21 -6.27
N SER D 164 16.28 -7.56 -5.51
CA SER D 164 16.10 -6.94 -4.20
C SER D 164 15.92 -7.99 -3.10
N SER D 165 15.70 -9.22 -3.52
CA SER D 165 15.52 -10.33 -2.58
C SER D 165 16.85 -10.89 -2.09
N GLY D 166 16.91 -11.23 -0.80
CA GLY D 166 18.15 -11.78 -0.26
C GLY D 166 19.27 -10.77 -0.07
N VAL D 167 18.92 -9.48 -0.15
CA VAL D 167 19.88 -8.39 0.01
C VAL D 167 20.05 -7.87 1.44
N HIS D 168 21.30 -7.64 1.85
CA HIS D 168 21.62 -7.10 3.19
C HIS D 168 22.61 -5.95 3.00
N THR D 169 22.19 -4.73 3.30
CA THR D 169 23.08 -3.60 3.14
C THR D 169 23.36 -3.07 4.53
N PHE D 170 24.61 -3.09 4.94
CA PHE D 170 24.95 -2.65 6.29
C PHE D 170 25.18 -1.15 6.42
N PRO D 171 24.83 -0.59 7.61
CA PRO D 171 24.99 0.84 7.89
C PRO D 171 26.46 1.30 7.75
N ALA D 172 26.66 2.52 7.26
CA ALA D 172 28.01 3.03 7.11
C ALA D 172 28.69 3.21 8.46
N VAL D 173 30.00 2.99 8.44
CA VAL D 173 30.80 3.10 9.63
C VAL D 173 31.87 4.17 9.43
N LEU D 174 31.66 5.36 10.03
CA LEU D 174 32.63 6.44 9.89
C LEU D 174 33.98 5.95 10.39
N GLN D 175 34.95 5.94 9.48
CA GLN D 175 36.31 5.47 9.72
C GLN D 175 37.34 6.55 9.34
N SER D 176 37.82 7.27 10.36
CA SER D 176 38.80 8.35 10.18
C SER D 176 38.36 9.46 9.23
N ASP D 177 37.18 10.02 9.49
CA ASP D 177 36.64 11.11 8.67
C ASP D 177 36.03 10.64 7.33
N LEU D 178 36.11 9.32 7.05
CA LEU D 178 35.57 8.73 5.83
C LEU D 178 34.61 7.56 6.11
N TYR D 179 33.53 7.47 5.34
CA TYR D 179 32.54 6.41 5.55
C TYR D 179 32.81 5.14 4.74
N THR D 180 32.47 4.00 5.34
CA THR D 180 32.65 2.72 4.70
C THR D 180 31.44 1.84 5.01
N LEU D 181 30.96 1.14 3.98
CA LEU D 181 29.84 0.23 4.16
C LEU D 181 29.96 -0.89 3.12
N SER D 182 29.18 -1.95 3.32
CA SER D 182 29.18 -3.08 2.40
C SER D 182 27.75 -3.59 2.18
N SER D 183 27.57 -4.33 1.11
CA SER D 183 26.25 -4.85 0.82
C SER D 183 26.50 -6.24 0.27
N SER D 184 25.69 -7.18 0.72
CA SER D 184 25.84 -8.53 0.24
C SER D 184 24.50 -8.96 -0.31
N VAL D 185 24.52 -9.83 -1.30
CA VAL D 185 23.29 -10.32 -1.88
C VAL D 185 23.43 -11.83 -1.96
N THR D 186 22.36 -12.54 -1.66
CA THR D 186 22.40 -13.99 -1.73
C THR D 186 21.46 -14.49 -2.84
N VAL D 187 22.05 -15.27 -3.74
CA VAL D 187 21.34 -15.80 -4.90
C VAL D 187 21.59 -17.31 -5.09
N PRO D 188 20.79 -17.97 -5.95
CA PRO D 188 20.91 -19.41 -6.26
C PRO D 188 22.19 -19.73 -7.02
N SER D 189 22.88 -20.82 -6.65
CA SER D 189 24.12 -21.20 -7.32
C SER D 189 23.94 -21.55 -8.80
N SER D 190 22.76 -22.08 -9.13
CA SER D 190 22.47 -22.45 -10.50
C SER D 190 22.54 -21.25 -11.44
N PRO D 191 21.97 -20.09 -11.04
CA PRO D 191 21.98 -18.88 -11.86
C PRO D 191 23.21 -17.97 -11.85
N ARG D 192 24.24 -18.27 -11.07
CA ARG D 192 25.41 -17.41 -11.10
C ARG D 192 26.68 -18.27 -11.25
N PRO D 193 27.63 -17.86 -12.08
CA PRO D 193 27.70 -16.64 -12.89
C PRO D 193 26.61 -16.53 -13.96
N SER D 194 26.11 -17.69 -14.39
CA SER D 194 25.08 -17.79 -15.43
C SER D 194 24.26 -16.52 -15.70
N GLU D 195 23.70 -15.92 -14.65
CA GLU D 195 22.89 -14.68 -14.72
C GLU D 195 23.64 -13.60 -13.96
N THR D 196 24.02 -12.54 -14.66
CA THR D 196 24.79 -11.47 -14.07
C THR D 196 24.28 -10.81 -12.80
N VAL D 197 25.24 -10.36 -11.97
CA VAL D 197 24.94 -9.63 -10.72
C VAL D 197 25.88 -8.43 -10.67
N THR D 198 25.29 -7.24 -10.59
CA THR D 198 26.04 -6.00 -10.55
C THR D 198 25.54 -5.16 -9.41
N CYS D 199 26.41 -4.47 -8.69
CA CYS D 199 25.90 -3.60 -7.66
C CYS D 199 26.01 -2.22 -8.25
N ASN D 200 25.03 -1.38 -7.95
CA ASN D 200 25.05 -0.02 -8.47
C ASN D 200 25.15 0.86 -7.24
N VAL D 201 26.18 1.69 -7.19
CA VAL D 201 26.38 2.56 -6.06
C VAL D 201 26.19 3.98 -6.50
N ALA D 202 25.45 4.73 -5.70
CA ALA D 202 25.19 6.11 -6.00
C ALA D 202 25.56 6.97 -4.79
N HIS D 203 26.33 8.01 -5.04
CA HIS D 203 26.75 8.94 -4.00
C HIS D 203 26.35 10.30 -4.55
N PRO D 204 25.12 10.75 -4.24
CA PRO D 204 24.65 12.05 -4.73
C PRO D 204 25.49 13.27 -4.36
N ALA D 205 26.03 13.29 -3.14
CA ALA D 205 26.84 14.42 -2.68
C ALA D 205 27.99 14.74 -3.63
N SER D 206 28.43 13.75 -4.42
CA SER D 206 29.53 13.96 -5.36
C SER D 206 29.08 13.74 -6.81
N SER D 207 27.78 13.64 -7.02
CA SER D 207 27.24 13.42 -8.35
C SER D 207 27.99 12.29 -9.05
N THR D 208 28.29 11.26 -8.27
CA THR D 208 29.00 10.11 -8.78
C THR D 208 28.00 8.96 -8.84
N LYS D 209 28.26 8.00 -9.71
CA LYS D 209 27.42 6.82 -9.88
C LYS D 209 28.38 5.73 -10.36
N VAL D 210 28.37 4.58 -9.67
CA VAL D 210 29.28 3.48 -10.02
C VAL D 210 28.59 2.13 -10.16
N ASP D 211 29.00 1.36 -11.17
CA ASP D 211 28.47 0.02 -11.43
C ASP D 211 29.63 -0.96 -11.46
N LYS D 212 29.56 -2.02 -10.67
CA LYS D 212 30.60 -3.05 -10.63
C LYS D 212 29.97 -4.44 -10.69
N LYS D 213 30.19 -5.14 -11.80
CA LYS D 213 29.68 -6.51 -11.99
C LYS D 213 30.58 -7.49 -11.23
N ILE D 214 30.00 -8.33 -10.39
CA ILE D 214 30.78 -9.29 -9.63
C ILE D 214 31.11 -10.47 -10.52
N VAL D 215 32.39 -10.66 -10.82
CA VAL D 215 32.82 -11.76 -11.68
C VAL D 215 33.52 -12.87 -10.90
N PRO D 216 33.44 -14.11 -11.40
CA PRO D 216 34.08 -15.26 -10.73
C PRO D 216 35.58 -15.02 -10.60
N ARG D 217 36.11 -15.23 -9.39
CA ARG D 217 37.53 -15.04 -9.14
C ARG D 217 38.35 -16.04 -9.95
ZN ZN E . 15.90 -15.11 -4.74
ZN ZN F . -18.50 -19.07 -11.02
ZN ZN G . -40.82 24.95 -6.56
ZN ZN H . -15.92 27.66 -4.53
ZN ZN I . -30.23 24.84 -25.39
ZN ZN J . 17.78 -11.24 6.50
ZN ZN K . 51.62 -14.21 10.94
ZN ZN L . 51.96 -7.78 11.52
ZN ZN M . 18.63 -13.58 -18.59
#